data_3MX0
#
_entry.id   3MX0
#
_cell.length_a   57.859
_cell.length_b   89.049
_cell.length_c   198.150
_cell.angle_alpha   90.00
_cell.angle_beta   96.22
_cell.angle_gamma   90.00
#
_symmetry.space_group_name_H-M   'P 1 21 1'
#
loop_
_entity.id
_entity.type
_entity.pdbx_description
1 polymer 'Ephrin type-A receptor 2'
2 polymer Ephrin-A5
3 branched 2-acetamido-2-deoxy-beta-D-glucopyranose-(1-4)-2-acetamido-2-deoxy-beta-D-glucopyranose-(1-4)-2-acetamido-2-deoxy-beta-D-glucopyranose
4 non-polymer 2-acetamido-2-deoxy-beta-D-glucopyranose
#
loop_
_entity_poly.entity_id
_entity_poly.type
_entity_poly.pdbx_seq_one_letter_code
_entity_poly.pdbx_strand_id
1 'polypeptide(L)'
;KEVVLLDFAAAGGELGWLTHPYGKGWDLMQNIMNDMPIYMYSVCNVMSGDQDNWLRTNWVYRGEAERIFIELKFTVRDCN
SFPGGASSCKETFNLYYAESDLDYGTNFQKRLFTKIDTIAPDEITVSSDFEARHVKLNVEERSVGPLTRKGFYLAFQDIG
ACVALLSVRVYYKKCPELLQGLAHFPETIAGSDAPSLATVAGTCVDHAVVPPGGEEPRMHCAVDGEWLVPIGQCLCQAGY
EKVEDACQACSPGFFKFEASESPCLECPEHTLPSPEGATSCECEEGFFRAPQDPASMPCTRPPSAPHYLTAVGMGAKVEL
RWTPPQDSGGREDIVYSVTCEQCWPESGECGPCEASVRYSEPPHGLTRTSVTVSDLEPHMNYTFTVEARNGVSGLVTSRS
FRTASVSIN
;
A,C
2 'polypeptide(L)'
;VADRYAVYWNSSNPRFQRGDYHIDVCINDYLDVFCPHYEDSVPEDKTERYVLYMVNFDGYSACDHTSKGFKRWECNRPHS
PNGPLKFSEKFQLFTPFSLGFEFRPGREYFYISSAIPDNGRRSCLKLKVFVRPTNSCM
;
B,D
#
loop_
_chem_comp.id
_chem_comp.type
_chem_comp.name
_chem_comp.formula
NAG D-saccharide, beta linking 2-acetamido-2-deoxy-beta-D-glucopyranose 'C8 H15 N O6'
#
# COMPACT_ATOMS: atom_id res chain seq x y z
N LYS A 1 -15.75 6.85 -12.07
CA LYS A 1 -16.16 6.42 -10.73
C LYS A 1 -15.60 7.39 -9.68
N GLU A 2 -16.31 7.52 -8.56
CA GLU A 2 -15.93 8.44 -7.51
C GLU A 2 -15.57 7.62 -6.28
N VAL A 3 -14.69 8.16 -5.45
CA VAL A 3 -14.30 7.54 -4.16
C VAL A 3 -14.51 8.52 -3.00
N VAL A 4 -15.33 8.14 -2.03
CA VAL A 4 -15.79 9.07 -0.98
C VAL A 4 -14.94 9.14 0.30
N LEU A 5 -14.65 10.34 0.79
CA LEU A 5 -13.94 10.52 2.06
C LEU A 5 -14.84 10.98 3.24
N LEU A 6 -16.15 11.00 3.03
CA LEU A 6 -17.02 11.66 3.98
C LEU A 6 -18.43 11.82 3.44
N ASP A 7 -19.42 11.46 4.25
CA ASP A 7 -20.80 11.75 3.94
C ASP A 7 -21.66 11.90 5.18
N PHE A 8 -21.56 13.08 5.80
CA PHE A 8 -22.32 13.45 6.99
C PHE A 8 -23.79 13.15 6.76
N ALA A 9 -24.26 13.45 5.56
CA ALA A 9 -25.60 13.05 5.16
C ALA A 9 -25.93 11.65 5.68
N ALA A 10 -25.28 10.63 5.14
CA ALA A 10 -25.67 9.25 5.42
C ALA A 10 -25.05 8.67 6.68
N ALA A 11 -24.54 9.52 7.56
CA ALA A 11 -23.96 9.06 8.82
C ALA A 11 -25.00 8.95 9.89
N GLY A 12 -26.27 8.85 9.48
CA GLY A 12 -27.38 8.82 10.42
C GLY A 12 -27.23 9.75 11.62
N GLY A 13 -26.55 10.88 11.44
CA GLY A 13 -26.36 11.83 12.53
C GLY A 13 -25.75 11.23 13.78
N GLU A 14 -24.50 10.79 13.65
CA GLU A 14 -23.76 10.21 14.75
C GLU A 14 -22.34 10.71 14.66
N LEU A 15 -22.09 11.61 13.73
CA LEU A 15 -20.72 12.09 13.54
C LEU A 15 -20.38 13.15 14.61
N GLY A 16 -21.17 14.20 14.67
CA GLY A 16 -20.92 15.25 15.63
C GLY A 16 -19.51 15.81 15.51
N TRP A 17 -19.38 16.94 14.81
CA TRP A 17 -18.08 17.59 14.64
C TRP A 17 -17.92 18.67 15.69
N LEU A 18 -16.68 18.90 16.12
CA LEU A 18 -16.36 19.94 17.09
C LEU A 18 -17.02 21.25 16.69
N THR A 19 -17.61 21.92 17.69
CA THR A 19 -18.11 23.28 17.51
C THR A 19 -17.29 24.30 18.31
N HIS A 20 -17.56 25.57 18.04
CA HIS A 20 -16.78 26.64 18.60
C HIS A 20 -17.59 27.91 18.44
N PRO A 21 -17.59 28.79 19.46
CA PRO A 21 -16.90 28.51 20.72
C PRO A 21 -17.73 27.65 21.65
N TYR A 22 -17.05 26.73 22.31
CA TYR A 22 -17.64 25.82 23.29
C TYR A 22 -19.16 25.81 23.34
N GLY A 23 -19.79 25.36 22.26
CA GLY A 23 -21.23 25.18 22.21
C GLY A 23 -22.16 26.40 22.18
N LYS A 24 -21.61 27.61 22.25
CA LYS A 24 -22.46 28.83 22.13
C LYS A 24 -22.75 29.21 20.66
N GLY A 25 -22.12 28.51 19.71
CA GLY A 25 -22.31 28.76 18.29
C GLY A 25 -23.18 27.77 17.52
N TRP A 26 -22.56 26.87 16.77
CA TRP A 26 -23.27 26.01 15.82
C TRP A 26 -24.00 24.94 16.56
N ASP A 27 -25.17 24.55 16.09
CA ASP A 27 -25.88 23.49 16.81
C ASP A 27 -26.58 22.49 15.92
N LEU A 28 -26.78 21.30 16.46
CA LEU A 28 -27.24 20.14 15.73
C LEU A 28 -28.70 19.86 16.04
N MET A 29 -29.55 19.83 15.02
CA MET A 29 -30.94 19.53 15.28
C MET A 29 -31.32 18.27 14.58
N GLN A 30 -32.31 17.58 15.10
CA GLN A 30 -32.93 16.52 14.32
C GLN A 30 -34.26 17.08 13.88
N ASN A 31 -35.07 16.26 13.25
CA ASN A 31 -36.22 16.78 12.55
C ASN A 31 -36.71 15.74 11.56
N ILE A 32 -38.00 15.77 11.29
CA ILE A 32 -38.56 14.80 10.38
C ILE A 32 -38.48 15.39 9.01
N MET A 33 -38.52 14.53 8.00
CA MET A 33 -38.56 15.02 6.63
C MET A 33 -38.73 13.89 5.63
N ASN A 34 -39.74 14.01 4.78
CA ASN A 34 -40.14 12.90 3.93
C ASN A 34 -40.38 11.70 4.84
N ASP A 35 -40.73 12.01 6.09
CA ASP A 35 -41.13 11.04 7.10
C ASP A 35 -39.94 10.34 7.74
N MET A 36 -38.81 10.37 7.06
CA MET A 36 -37.59 9.80 7.59
C MET A 36 -36.86 10.87 8.40
N PRO A 37 -36.06 10.43 9.38
CA PRO A 37 -35.28 11.23 10.33
C PRO A 37 -34.04 11.86 9.70
N ILE A 38 -33.84 13.17 9.91
CA ILE A 38 -32.67 13.85 9.36
C ILE A 38 -32.07 14.85 10.34
N TYR A 39 -30.76 15.02 10.27
CA TYR A 39 -30.04 15.93 11.16
C TYR A 39 -29.29 16.98 10.39
N MET A 40 -29.12 18.13 11.02
CA MET A 40 -28.47 19.26 10.39
C MET A 40 -27.65 19.96 11.42
N TYR A 41 -26.67 20.67 10.93
CA TYR A 41 -25.83 21.45 11.78
C TYR A 41 -26.15 22.88 11.48
N SER A 42 -26.91 23.52 12.38
CA SER A 42 -27.37 24.89 12.17
C SER A 42 -26.92 25.87 13.25
N VAL A 43 -26.95 27.15 12.87
CA VAL A 43 -26.63 28.28 13.73
C VAL A 43 -27.71 29.30 13.35
N CYS A 44 -27.89 30.35 14.18
CA CYS A 44 -28.84 31.43 13.88
C CYS A 44 -28.69 32.68 14.77
N ASN A 45 -27.49 32.89 15.30
CA ASN A 45 -27.17 34.10 16.04
C ASN A 45 -27.13 35.33 15.14
N VAL A 46 -28.27 35.69 14.55
CA VAL A 46 -28.35 36.88 13.70
C VAL A 46 -28.19 38.14 14.57
N MET A 47 -28.74 38.05 15.78
CA MET A 47 -28.87 39.13 16.75
C MET A 47 -27.58 39.54 17.47
N SER A 48 -26.89 38.56 18.04
CA SER A 48 -25.68 38.78 18.86
C SER A 48 -24.52 39.58 18.23
N GLY A 49 -24.74 40.17 17.06
CA GLY A 49 -23.73 41.04 16.47
C GLY A 49 -22.40 40.38 16.14
N ASP A 50 -21.38 40.63 16.98
CA ASP A 50 -19.99 40.23 16.68
C ASP A 50 -19.72 38.72 16.75
N GLN A 51 -19.67 38.08 15.59
CA GLN A 51 -19.62 36.62 15.50
C GLN A 51 -18.25 36.03 15.10
N ASP A 52 -18.29 34.81 14.55
CA ASP A 52 -17.11 33.96 14.48
C ASP A 52 -17.51 32.57 14.98
N ASN A 53 -18.56 32.01 14.39
CA ASN A 53 -19.03 30.69 14.76
C ASN A 53 -18.48 29.59 13.86
N TRP A 54 -17.45 28.91 14.31
CA TRP A 54 -16.89 27.81 13.53
C TRP A 54 -17.63 26.51 13.82
N LEU A 55 -17.60 25.60 12.86
CA LEU A 55 -18.10 24.22 12.97
C LEU A 55 -17.10 23.23 12.26
N ARG A 56 -16.31 22.45 12.99
CA ARG A 56 -15.16 21.78 12.33
C ARG A 56 -15.17 20.24 12.11
N THR A 57 -15.48 19.82 10.87
CA THR A 57 -15.44 18.39 10.50
C THR A 57 -14.24 17.66 11.14
N ASN A 58 -14.48 16.40 11.52
CA ASN A 58 -13.50 15.51 12.17
C ASN A 58 -12.08 15.54 11.61
N TRP A 59 -11.62 14.40 11.09
CA TRP A 59 -10.33 14.36 10.42
C TRP A 59 -10.49 13.43 9.27
N VAL A 60 -10.44 13.94 8.04
CA VAL A 60 -10.46 13.07 6.88
C VAL A 60 -9.03 12.65 6.50
N TYR A 61 -8.83 11.34 6.44
CA TYR A 61 -7.59 10.77 5.97
C TYR A 61 -7.60 11.07 4.49
N ARG A 62 -6.47 11.54 3.99
CA ARG A 62 -6.34 11.89 2.60
C ARG A 62 -6.59 10.68 1.70
N GLY A 63 -5.69 9.71 1.72
CA GLY A 63 -5.80 8.59 0.83
C GLY A 63 -5.04 8.93 -0.44
N GLU A 64 -5.46 8.40 -1.58
CA GLU A 64 -4.74 8.68 -2.83
C GLU A 64 -4.99 10.11 -3.34
N ALA A 65 -6.16 10.65 -2.99
CA ALA A 65 -6.72 11.90 -3.51
C ALA A 65 -5.81 13.14 -3.43
N GLU A 66 -5.85 13.99 -4.46
CA GLU A 66 -4.96 15.13 -4.54
C GLU A 66 -5.75 16.43 -4.74
N ARG A 67 -6.91 16.29 -5.37
CA ARG A 67 -7.90 17.37 -5.49
C ARG A 67 -9.22 16.76 -5.04
N ILE A 68 -9.76 17.28 -3.94
CA ILE A 68 -10.95 16.69 -3.32
C ILE A 68 -12.17 17.52 -3.67
N PHE A 69 -13.34 16.89 -3.67
CA PHE A 69 -14.54 17.56 -4.16
C PHE A 69 -15.63 17.69 -3.11
N ILE A 70 -15.81 18.90 -2.58
CA ILE A 70 -16.74 19.12 -1.49
C ILE A 70 -18.14 19.53 -1.92
N GLU A 71 -19.16 18.88 -1.37
CA GLU A 71 -20.48 19.13 -1.88
C GLU A 71 -21.61 19.29 -0.85
N LEU A 72 -21.79 20.54 -0.40
CA LEU A 72 -22.69 20.92 0.69
C LEU A 72 -24.12 21.14 0.21
N LYS A 73 -25.10 20.58 0.93
CA LYS A 73 -26.52 20.85 0.69
C LYS A 73 -27.05 21.60 1.90
N PHE A 74 -27.82 22.68 1.66
CA PHE A 74 -28.29 23.57 2.74
C PHE A 74 -29.36 24.62 2.39
N THR A 75 -30.28 24.83 3.35
CA THR A 75 -31.25 25.92 3.32
C THR A 75 -30.73 27.15 4.08
N VAL A 76 -30.86 28.32 3.47
CA VAL A 76 -30.51 29.56 4.13
C VAL A 76 -31.76 30.40 4.21
N ARG A 77 -31.98 31.02 5.38
CA ARG A 77 -33.18 31.83 5.58
C ARG A 77 -32.91 33.33 5.38
N ASP A 78 -33.91 33.97 4.77
CA ASP A 78 -33.94 35.40 4.42
C ASP A 78 -33.90 36.38 5.62
N CYS A 79 -33.31 37.55 5.40
CA CYS A 79 -33.15 38.56 6.46
C CYS A 79 -34.29 39.59 6.68
N ASN A 80 -35.31 39.55 5.83
CA ASN A 80 -36.47 40.44 5.95
C ASN A 80 -37.65 39.72 6.61
N SER A 81 -37.58 38.38 6.63
CA SER A 81 -38.59 37.50 7.22
C SER A 81 -38.41 37.37 8.72
N PHE A 82 -37.39 38.06 9.23
CA PHE A 82 -37.15 38.25 10.66
C PHE A 82 -37.95 39.45 11.09
N PRO A 83 -38.76 39.29 12.16
CA PRO A 83 -39.62 40.32 12.76
C PRO A 83 -38.83 41.31 13.63
N GLY A 84 -38.11 40.79 14.63
CA GLY A 84 -37.13 41.59 15.34
C GLY A 84 -36.16 42.18 14.33
N GLY A 85 -35.57 41.29 13.53
CA GLY A 85 -34.86 41.64 12.31
C GLY A 85 -33.51 42.33 12.40
N ALA A 86 -32.98 42.47 13.61
CA ALA A 86 -31.70 43.15 13.82
C ALA A 86 -30.79 42.90 12.63
N SER A 87 -30.68 43.88 11.75
CA SER A 87 -30.11 43.66 10.43
C SER A 87 -28.59 43.60 10.39
N SER A 88 -28.00 42.75 11.24
CA SER A 88 -26.58 42.39 11.18
C SER A 88 -26.40 40.99 10.63
N CYS A 89 -27.52 40.39 10.23
CA CYS A 89 -27.58 39.04 9.68
C CYS A 89 -27.16 38.94 8.20
N LYS A 90 -26.93 37.72 7.75
CA LYS A 90 -26.58 37.48 6.37
C LYS A 90 -27.00 36.10 5.84
N GLU A 91 -26.63 35.84 4.57
CA GLU A 91 -26.73 34.53 3.93
C GLU A 91 -25.45 34.17 3.17
N THR A 92 -24.32 34.40 3.81
CA THR A 92 -23.04 33.94 3.27
C THR A 92 -22.20 33.42 4.43
N PHE A 93 -21.71 32.18 4.32
CA PHE A 93 -20.77 31.64 5.31
C PHE A 93 -19.56 31.16 4.61
N ASN A 94 -18.68 30.57 5.39
CA ASN A 94 -17.36 30.34 4.90
C ASN A 94 -16.88 28.90 5.00
N LEU A 95 -16.31 28.40 3.91
CA LEU A 95 -15.75 27.05 3.87
C LEU A 95 -14.26 27.14 4.09
N TYR A 96 -13.68 26.24 4.88
CA TYR A 96 -12.24 26.27 5.04
C TYR A 96 -11.57 24.90 4.89
N TYR A 97 -10.29 24.86 5.21
CA TYR A 97 -9.60 23.60 5.09
C TYR A 97 -8.23 23.58 5.82
N ALA A 98 -7.87 22.43 6.37
CA ALA A 98 -6.59 22.24 7.04
C ALA A 98 -5.82 20.95 6.64
N GLU A 99 -4.59 21.10 6.20
CA GLU A 99 -3.82 19.91 6.00
C GLU A 99 -3.22 19.68 7.36
N SER A 100 -3.30 18.45 7.84
CA SER A 100 -2.59 18.06 9.07
C SER A 100 -1.98 16.68 8.88
N ASP A 101 -1.00 16.33 9.72
CA ASP A 101 -0.51 14.95 9.71
C ASP A 101 -0.82 14.25 11.03
N LEU A 102 -1.93 14.61 11.65
CA LEU A 102 -2.23 14.09 12.97
C LEU A 102 -3.48 14.76 13.54
N ASP A 103 -4.59 14.03 13.54
CA ASP A 103 -5.83 14.52 14.13
C ASP A 103 -5.52 15.26 15.42
N TYR A 104 -5.74 16.57 15.41
CA TYR A 104 -5.54 17.36 16.61
C TYR A 104 -6.74 17.22 17.57
N GLY A 105 -7.47 16.12 17.41
CA GLY A 105 -8.60 15.79 18.26
C GLY A 105 -9.66 16.86 18.42
N THR A 106 -9.55 17.58 19.53
CA THR A 106 -10.50 18.61 19.92
C THR A 106 -9.70 19.81 20.41
N ASN A 107 -8.41 19.75 20.11
CA ASN A 107 -7.59 20.93 19.96
C ASN A 107 -8.13 21.56 18.71
N PHE A 108 -8.24 22.88 18.66
CA PHE A 108 -8.71 23.55 17.45
C PHE A 108 -7.91 24.81 17.20
N GLN A 109 -7.78 25.22 15.94
CA GLN A 109 -7.03 26.42 15.63
C GLN A 109 -7.52 27.14 14.37
N LYS A 110 -8.19 28.28 14.57
CA LYS A 110 -8.71 29.06 13.45
C LYS A 110 -7.62 29.46 12.45
N ARG A 111 -6.63 30.19 12.94
CA ARG A 111 -5.57 30.67 12.08
C ARG A 111 -5.10 29.53 11.22
N LEU A 112 -5.07 28.33 11.81
CA LEU A 112 -4.58 27.16 11.06
C LEU A 112 -5.27 26.87 9.70
N PHE A 113 -6.41 27.49 9.47
CA PHE A 113 -7.14 27.23 8.23
C PHE A 113 -6.88 28.24 7.15
N THR A 114 -6.97 27.78 5.90
CA THR A 114 -7.08 28.70 4.76
C THR A 114 -8.51 28.62 4.22
N LYS A 115 -8.92 29.63 3.48
CA LYS A 115 -10.31 29.63 3.04
C LYS A 115 -10.45 29.30 1.57
N ILE A 116 -11.45 28.49 1.29
CA ILE A 116 -11.86 28.21 -0.07
C ILE A 116 -12.78 29.36 -0.57
N ASP A 117 -14.09 29.13 -0.64
CA ASP A 117 -14.99 30.18 -1.10
C ASP A 117 -15.96 30.62 -0.01
N THR A 118 -16.65 31.74 -0.25
CA THR A 118 -17.75 32.14 0.61
C THR A 118 -19.04 31.64 -0.03
N ILE A 119 -19.45 30.43 0.32
CA ILE A 119 -20.68 29.89 -0.25
C ILE A 119 -21.85 30.80 0.05
N ALA A 120 -22.79 30.85 -0.89
CA ALA A 120 -24.06 31.59 -0.71
C ALA A 120 -25.19 30.93 -1.51
N PRO A 121 -26.43 31.27 -1.15
CA PRO A 121 -27.63 30.57 -1.62
C PRO A 121 -28.09 30.85 -3.04
N ASP A 122 -28.65 29.83 -3.68
CA ASP A 122 -29.36 29.99 -4.94
C ASP A 122 -30.84 29.96 -4.62
N GLU A 123 -31.16 30.07 -3.35
CA GLU A 123 -32.55 30.08 -2.95
C GLU A 123 -32.71 30.37 -1.47
N ILE A 124 -33.23 31.56 -1.17
CA ILE A 124 -33.43 31.98 0.19
C ILE A 124 -34.78 31.43 0.67
N THR A 125 -34.82 30.83 1.88
CA THR A 125 -36.09 30.44 2.49
C THR A 125 -36.62 31.74 3.08
N VAL A 126 -37.75 32.21 2.56
CA VAL A 126 -38.35 33.49 2.98
C VAL A 126 -39.58 33.26 3.87
N SER A 127 -40.13 34.33 4.44
CA SER A 127 -41.20 34.23 5.44
C SER A 127 -42.43 33.43 4.98
N SER A 128 -42.49 33.13 3.68
CA SER A 128 -43.59 32.36 3.08
C SER A 128 -43.29 30.86 2.93
N ASP A 129 -42.03 30.52 2.63
CA ASP A 129 -41.65 29.12 2.45
C ASP A 129 -41.68 28.43 3.82
N PHE A 130 -42.16 29.19 4.80
CA PHE A 130 -42.40 28.67 6.15
C PHE A 130 -43.85 28.27 6.30
N GLU A 131 -44.75 29.25 6.21
CA GLU A 131 -46.17 28.96 6.35
C GLU A 131 -46.56 27.68 5.61
N ALA A 132 -46.03 27.50 4.41
CA ALA A 132 -46.40 26.34 3.60
C ALA A 132 -45.61 25.12 4.09
N ARG A 133 -44.49 25.39 4.75
CA ARG A 133 -43.48 24.37 5.03
C ARG A 133 -42.81 24.00 3.72
N HIS A 134 -42.22 25.01 3.11
CA HIS A 134 -41.48 24.79 1.89
C HIS A 134 -39.99 24.82 2.18
N VAL A 135 -39.30 23.82 1.65
CA VAL A 135 -37.91 23.58 1.94
C VAL A 135 -36.98 24.11 0.85
N LYS A 136 -36.51 25.35 1.03
CA LYS A 136 -35.62 25.97 0.03
C LYS A 136 -34.20 25.50 0.21
N LEU A 137 -33.88 24.39 -0.46
CA LEU A 137 -32.57 23.74 -0.31
C LEU A 137 -31.52 24.17 -1.32
N ASN A 138 -30.29 24.38 -0.84
CA ASN A 138 -29.18 24.71 -1.72
C ASN A 138 -28.18 23.59 -1.95
N VAL A 139 -27.90 23.31 -3.23
CA VAL A 139 -26.69 22.55 -3.60
C VAL A 139 -25.71 23.47 -4.26
N GLU A 140 -24.54 23.57 -3.64
CA GLU A 140 -23.46 24.40 -4.09
C GLU A 140 -22.29 23.45 -4.09
N GLU A 141 -21.25 23.75 -4.85
CA GLU A 141 -20.10 22.84 -4.90
C GLU A 141 -18.79 23.54 -5.02
N ARG A 142 -17.73 22.84 -4.59
CA ARG A 142 -16.41 23.39 -4.72
C ARG A 142 -15.45 22.29 -4.45
N SER A 143 -14.19 22.65 -4.41
CA SER A 143 -13.10 21.69 -4.34
C SER A 143 -11.82 22.47 -4.29
N VAL A 144 -10.71 21.76 -4.16
CA VAL A 144 -9.45 22.42 -3.92
C VAL A 144 -8.31 21.46 -4.10
N GLY A 145 -7.15 21.98 -4.51
CA GLY A 145 -5.98 21.15 -4.62
C GLY A 145 -4.69 21.93 -4.56
N PRO A 146 -3.54 21.21 -4.59
CA PRO A 146 -3.47 19.76 -4.52
C PRO A 146 -3.13 19.40 -3.08
N LEU A 147 -3.41 18.19 -2.61
CA LEU A 147 -3.31 17.92 -1.18
C LEU A 147 -2.12 17.09 -0.73
N THR A 148 -1.09 17.76 -0.25
CA THR A 148 0.14 17.08 0.12
C THR A 148 0.09 16.22 1.41
N ARG A 149 -0.42 16.75 2.52
CA ARG A 149 -0.24 16.14 3.84
C ARG A 149 -1.17 14.98 4.24
N LYS A 150 -0.68 14.13 5.15
CA LYS A 150 -1.40 12.96 5.66
C LYS A 150 -2.94 13.03 5.59
N GLY A 151 -3.52 14.02 6.29
CA GLY A 151 -4.98 14.16 6.40
C GLY A 151 -5.46 15.61 6.61
N PHE A 152 -6.72 15.86 6.26
CA PHE A 152 -7.19 17.24 6.19
C PHE A 152 -8.50 17.45 6.93
N TYR A 153 -8.82 18.74 7.19
CA TYR A 153 -10.04 19.18 7.85
C TYR A 153 -10.82 20.08 6.95
N LEU A 154 -12.14 19.96 7.00
CA LEU A 154 -13.01 21.08 6.60
C LEU A 154 -13.24 21.96 7.84
N ALA A 155 -14.23 22.86 7.79
CA ALA A 155 -14.65 23.76 8.90
C ALA A 155 -15.38 24.93 8.32
N PHE A 156 -16.38 25.42 9.03
CA PHE A 156 -17.19 26.48 8.48
C PHE A 156 -17.15 27.74 9.35
N GLN A 157 -17.22 28.93 8.75
CA GLN A 157 -17.31 30.16 9.54
C GLN A 157 -18.66 30.84 9.40
N ASP A 158 -19.24 31.24 10.54
CA ASP A 158 -20.45 32.07 10.57
C ASP A 158 -20.28 33.42 11.27
N ILE A 159 -20.61 34.47 10.53
CA ILE A 159 -20.47 35.86 10.96
C ILE A 159 -21.83 36.43 11.40
N GLY A 160 -22.69 35.53 11.87
CA GLY A 160 -24.06 35.85 12.15
C GLY A 160 -24.86 35.71 10.87
N ALA A 161 -25.57 34.59 10.73
CA ALA A 161 -26.42 34.34 9.58
C ALA A 161 -27.32 33.19 9.95
N CYS A 162 -28.39 32.98 9.19
CA CYS A 162 -29.33 31.95 9.62
C CYS A 162 -29.22 30.71 8.79
N VAL A 163 -28.06 30.06 8.88
CA VAL A 163 -27.69 28.90 8.06
C VAL A 163 -28.01 27.57 8.71
N ALA A 164 -27.63 26.48 8.06
CA ALA A 164 -28.15 25.18 8.45
C ALA A 164 -27.65 24.03 7.56
N LEU A 165 -26.47 23.49 7.90
CA LEU A 165 -25.71 22.52 7.07
C LEU A 165 -26.33 21.16 6.89
N LEU A 166 -27.03 20.92 5.78
CA LEU A 166 -27.73 19.64 5.62
C LEU A 166 -26.82 18.49 5.26
N SER A 167 -25.99 18.69 4.24
CA SER A 167 -25.08 17.62 3.81
C SER A 167 -23.65 18.11 3.64
N VAL A 168 -22.70 17.41 4.23
CA VAL A 168 -21.33 17.53 3.77
C VAL A 168 -20.93 16.19 3.19
N ARG A 169 -20.26 16.25 2.04
CA ARG A 169 -19.94 15.06 1.26
C ARG A 169 -18.64 15.32 0.54
N VAL A 170 -17.64 14.52 0.84
CA VAL A 170 -16.33 14.72 0.24
C VAL A 170 -15.89 13.49 -0.57
N TYR A 171 -15.40 13.72 -1.77
CA TYR A 171 -15.06 12.63 -2.65
C TYR A 171 -14.04 13.09 -3.67
N TYR A 172 -13.27 12.14 -4.22
CA TYR A 172 -12.30 12.44 -5.27
C TYR A 172 -12.45 11.51 -6.46
N LYS A 173 -11.55 11.65 -7.43
CA LYS A 173 -11.83 11.18 -8.76
C LYS A 173 -10.76 10.31 -9.48
N LYS A 174 -11.19 9.14 -9.90
CA LYS A 174 -10.32 8.26 -10.61
C LYS A 174 -11.03 7.80 -11.86
N CYS A 175 -10.24 7.45 -12.87
CA CYS A 175 -10.71 7.00 -14.18
C CYS A 175 -10.86 5.50 -14.22
N PRO A 176 -12.05 5.03 -14.61
CA PRO A 176 -12.40 3.60 -14.48
C PRO A 176 -11.37 2.70 -15.10
N GLU A 177 -11.18 1.53 -14.49
CA GLU A 177 -10.32 0.54 -15.07
C GLU A 177 -10.97 0.23 -16.38
N LEU A 178 -10.15 0.03 -17.41
CA LEU A 178 -10.59 0.11 -18.80
C LEU A 178 -9.91 -0.91 -19.71
N LEU A 179 -10.75 -1.55 -20.54
CA LEU A 179 -10.31 -2.28 -21.73
C LEU A 179 -10.77 -1.52 -22.98
N GLN A 180 -9.82 -0.99 -23.73
CA GLN A 180 -10.16 -0.22 -24.93
C GLN A 180 -9.24 -0.56 -26.09
N GLY A 181 -9.58 -1.65 -26.78
CA GLY A 181 -8.90 -2.01 -28.01
C GLY A 181 -7.68 -2.90 -27.90
N LEU A 182 -7.73 -3.88 -26.99
CA LEU A 182 -6.65 -4.88 -26.84
C LEU A 182 -5.49 -4.44 -25.92
N ALA A 183 -5.59 -3.24 -25.39
CA ALA A 183 -4.73 -2.81 -24.29
C ALA A 183 -5.54 -2.67 -22.99
N HIS A 184 -4.92 -3.08 -21.88
CA HIS A 184 -5.53 -2.90 -20.56
C HIS A 184 -4.94 -1.69 -19.83
N PHE A 185 -5.84 -0.88 -19.29
CA PHE A 185 -5.48 0.32 -18.56
C PHE A 185 -5.95 0.27 -17.10
N PRO A 186 -5.06 0.65 -16.16
CA PRO A 186 -5.41 0.59 -14.75
C PRO A 186 -6.76 1.20 -14.46
N GLU A 187 -7.13 1.20 -13.20
CA GLU A 187 -8.01 2.23 -12.72
C GLU A 187 -7.01 3.17 -12.10
N THR A 188 -7.12 4.47 -12.39
CA THR A 188 -6.09 5.44 -11.98
C THR A 188 -6.61 6.85 -11.77
N ILE A 189 -5.96 7.51 -10.82
CA ILE A 189 -6.43 8.69 -10.09
C ILE A 189 -6.21 9.99 -10.83
N ALA A 190 -7.25 10.81 -10.92
CA ALA A 190 -7.13 12.11 -11.58
C ALA A 190 -6.04 12.97 -10.91
N GLY A 191 -6.22 14.28 -10.82
CA GLY A 191 -5.17 15.12 -10.23
C GLY A 191 -5.49 16.59 -10.15
N SER A 192 -4.59 17.39 -9.57
CA SER A 192 -4.92 18.74 -9.12
C SER A 192 -5.05 19.83 -10.18
N ASP A 193 -4.05 19.96 -11.06
CA ASP A 193 -4.10 21.04 -12.05
C ASP A 193 -5.22 20.81 -13.04
N ALA A 194 -5.73 21.90 -13.62
CA ALA A 194 -6.99 21.84 -14.35
C ALA A 194 -6.90 21.23 -15.76
N PRO A 195 -5.83 21.54 -16.48
CA PRO A 195 -5.48 20.79 -17.69
C PRO A 195 -4.43 19.73 -17.33
N SER A 196 -4.81 18.83 -16.44
CA SER A 196 -3.85 17.81 -16.05
C SER A 196 -4.23 16.52 -16.71
N LEU A 197 -3.43 16.14 -17.68
CA LEU A 197 -3.66 14.92 -18.43
C LEU A 197 -2.78 13.75 -18.00
N ALA A 198 -3.39 12.88 -17.22
CA ALA A 198 -2.77 11.63 -16.83
C ALA A 198 -2.30 10.82 -18.03
N THR A 199 -1.01 10.56 -18.12
CA THR A 199 -0.50 9.67 -19.18
C THR A 199 -0.22 8.23 -18.69
N VAL A 200 -0.98 7.29 -19.22
CA VAL A 200 -1.02 5.96 -18.62
C VAL A 200 -0.65 4.85 -19.62
N ALA A 201 0.51 4.25 -19.41
CA ALA A 201 0.90 3.12 -20.25
C ALA A 201 -0.12 1.99 -20.15
N GLY A 202 -0.62 1.61 -21.32
CA GLY A 202 -1.46 0.43 -21.41
C GLY A 202 -0.60 -0.81 -21.54
N THR A 203 -1.26 -1.95 -21.57
CA THR A 203 -0.57 -3.21 -21.59
C THR A 203 -1.45 -4.13 -22.41
N CYS A 204 -0.83 -4.99 -23.22
CA CYS A 204 -1.58 -5.68 -24.23
C CYS A 204 -2.21 -6.96 -23.73
N VAL A 205 -3.53 -7.08 -23.96
CA VAL A 205 -4.28 -8.20 -23.40
C VAL A 205 -3.62 -9.50 -23.77
N ASP A 206 -4.19 -10.61 -23.33
CA ASP A 206 -3.67 -11.91 -23.75
C ASP A 206 -3.74 -12.02 -25.27
N HIS A 207 -2.57 -12.07 -25.89
CA HIS A 207 -2.44 -12.28 -27.33
C HIS A 207 -2.68 -11.02 -28.14
N ALA A 208 -1.61 -10.27 -28.34
CA ALA A 208 -1.67 -9.04 -29.10
C ALA A 208 -0.39 -8.26 -28.88
N VAL A 209 0.00 -7.48 -29.88
CA VAL A 209 1.08 -6.53 -29.62
C VAL A 209 1.30 -5.41 -30.65
N VAL A 210 2.41 -4.70 -30.45
CA VAL A 210 2.81 -3.49 -31.17
C VAL A 210 3.73 -3.71 -32.38
N PRO A 211 3.23 -3.37 -33.58
CA PRO A 211 3.86 -3.43 -34.92
C PRO A 211 5.17 -2.64 -35.25
N PRO A 212 5.20 -1.30 -35.06
CA PRO A 212 6.45 -0.57 -35.36
C PRO A 212 7.67 -1.24 -34.73
N GLU A 215 2.36 1.37 -33.06
CA GLU A 215 2.60 2.45 -32.12
C GLU A 215 2.06 2.08 -30.73
N GLU A 216 2.75 2.55 -29.69
CA GLU A 216 2.43 2.23 -28.30
C GLU A 216 0.93 2.30 -27.99
N PRO A 217 0.46 1.53 -26.99
CA PRO A 217 -0.91 1.75 -26.51
C PRO A 217 -0.84 2.76 -25.40
N ARG A 218 -1.64 3.82 -25.46
CA ARG A 218 -1.55 4.80 -24.41
C ARG A 218 -2.92 5.42 -24.19
N MET A 219 -3.17 5.92 -22.98
CA MET A 219 -4.46 6.56 -22.67
C MET A 219 -4.29 7.88 -21.92
N HIS A 220 -5.30 8.76 -22.04
CA HIS A 220 -5.24 10.02 -21.31
C HIS A 220 -6.36 10.25 -20.29
N CYS A 221 -5.97 10.40 -19.02
CA CYS A 221 -6.92 10.53 -17.92
C CYS A 221 -7.04 11.96 -17.36
N ALA A 222 -8.27 12.50 -17.45
CA ALA A 222 -8.59 13.90 -17.10
C ALA A 222 -8.87 14.18 -15.62
N VAL A 223 -9.12 15.44 -15.29
CA VAL A 223 -9.35 15.84 -13.89
C VAL A 223 -10.72 15.46 -13.37
N ASP A 224 -11.65 15.26 -14.29
CA ASP A 224 -13.00 14.86 -13.98
C ASP A 224 -13.15 13.35 -13.95
N GLY A 225 -12.05 12.61 -13.92
CA GLY A 225 -12.09 11.16 -13.85
C GLY A 225 -12.58 10.52 -15.15
N GLU A 226 -12.08 11.06 -16.26
CA GLU A 226 -12.42 10.59 -17.58
C GLU A 226 -11.13 10.28 -18.33
N TRP A 227 -11.20 9.31 -19.23
CA TRP A 227 -10.12 9.00 -20.19
C TRP A 227 -10.26 9.84 -21.50
N LEU A 228 -9.19 10.03 -22.29
CA LEU A 228 -9.31 11.04 -23.33
C LEU A 228 -8.61 10.90 -24.71
N VAL A 229 -7.29 10.84 -24.82
CA VAL A 229 -6.78 10.70 -26.20
C VAL A 229 -6.15 9.37 -26.54
N PRO A 230 -7.00 8.42 -27.00
CA PRO A 230 -6.54 7.11 -27.45
C PRO A 230 -5.38 7.31 -28.40
N ILE A 231 -4.17 7.03 -27.93
CA ILE A 231 -3.01 6.91 -28.82
C ILE A 231 -2.60 5.42 -28.87
N GLY A 232 -2.65 4.83 -30.07
CA GLY A 232 -2.16 3.49 -30.29
C GLY A 232 -3.16 2.34 -30.19
N GLN A 233 -2.67 1.13 -30.45
CA GLN A 233 -3.42 -0.09 -30.14
C GLN A 233 -2.57 -1.36 -30.13
N CYS A 234 -3.24 -2.48 -29.88
CA CYS A 234 -2.61 -3.79 -29.82
C CYS A 234 -3.39 -4.69 -30.75
N LEU A 235 -2.70 -5.53 -31.52
CA LEU A 235 -3.39 -6.38 -32.49
C LEU A 235 -3.35 -7.86 -32.13
N CYS A 236 -4.47 -8.53 -32.36
CA CYS A 236 -4.57 -9.96 -32.12
C CYS A 236 -3.53 -10.74 -32.93
N GLN A 237 -2.51 -11.25 -32.25
CA GLN A 237 -1.34 -11.81 -32.93
C GLN A 237 -1.54 -13.04 -33.83
N ALA A 238 -0.39 -13.57 -34.26
CA ALA A 238 -0.23 -14.68 -35.23
C ALA A 238 -0.98 -15.96 -34.91
N GLY A 239 -2.23 -16.03 -35.37
CA GLY A 239 -3.03 -17.23 -35.22
C GLY A 239 -4.29 -16.99 -34.43
N TYR A 240 -4.48 -15.74 -34.01
CA TYR A 240 -5.61 -15.36 -33.15
C TYR A 240 -6.43 -14.20 -33.74
N GLU A 241 -7.73 -14.23 -33.52
CA GLU A 241 -8.60 -13.17 -33.99
C GLU A 241 -9.35 -12.44 -32.85
N LYS A 242 -9.26 -11.11 -32.88
CA LYS A 242 -9.98 -10.25 -31.95
C LYS A 242 -11.47 -10.62 -31.87
N VAL A 243 -11.95 -10.84 -30.65
CA VAL A 243 -13.39 -11.05 -30.41
C VAL A 243 -13.88 -10.29 -29.17
N GLU A 244 -14.92 -9.49 -29.34
CA GLU A 244 -15.37 -8.58 -28.30
C GLU A 244 -14.13 -7.78 -27.92
N ASP A 245 -13.85 -7.70 -26.62
CA ASP A 245 -12.57 -7.16 -26.14
C ASP A 245 -11.69 -8.29 -25.62
N ALA A 246 -11.92 -9.48 -26.15
CA ALA A 246 -11.08 -10.64 -25.91
C ALA A 246 -10.07 -10.78 -27.05
N CYS A 247 -9.94 -12.00 -27.58
CA CYS A 247 -8.92 -12.36 -28.55
C CYS A 247 -8.98 -13.86 -28.80
N GLN A 248 -10.09 -14.36 -29.34
CA GLN A 248 -10.34 -15.80 -29.44
C GLN A 248 -9.55 -16.46 -30.57
N ALA A 249 -9.16 -17.72 -30.37
CA ALA A 249 -8.38 -18.45 -31.37
C ALA A 249 -9.17 -18.70 -32.65
N CYS A 250 -8.46 -19.09 -33.69
CA CYS A 250 -9.07 -19.27 -35.01
C CYS A 250 -9.80 -20.60 -35.11
N SER A 251 -11.09 -20.52 -35.44
CA SER A 251 -12.02 -21.65 -35.43
C SER A 251 -11.48 -22.98 -36.01
N PRO A 252 -12.35 -24.01 -36.12
CA PRO A 252 -11.95 -25.26 -36.77
C PRO A 252 -11.84 -25.12 -38.29
N GLY A 253 -10.63 -24.85 -38.78
CA GLY A 253 -10.40 -24.78 -40.21
C GLY A 253 -10.18 -23.38 -40.76
N PHE A 254 -9.74 -22.46 -39.90
CA PHE A 254 -9.39 -21.11 -40.33
C PHE A 254 -7.94 -20.78 -39.97
N PHE A 255 -7.54 -19.53 -40.14
CA PHE A 255 -6.20 -19.09 -39.77
C PHE A 255 -6.08 -17.56 -39.80
N LYS A 256 -4.97 -17.05 -39.27
CA LYS A 256 -4.60 -15.65 -39.44
C LYS A 256 -3.09 -15.57 -39.45
N PHE A 257 -2.51 -15.28 -40.59
CA PHE A 257 -1.07 -15.46 -40.69
C PHE A 257 -0.22 -14.45 -39.92
N GLU A 258 -0.44 -13.16 -40.12
CA GLU A 258 0.44 -12.14 -39.55
C GLU A 258 -0.18 -11.32 -38.41
N ALA A 259 0.28 -10.08 -38.27
CA ALA A 259 -0.19 -9.17 -37.23
C ALA A 259 -1.21 -8.16 -37.76
N SER A 260 -2.49 -8.55 -37.86
CA SER A 260 -3.45 -7.74 -38.63
C SER A 260 -4.73 -7.37 -37.89
N GLU A 261 -5.33 -6.23 -38.26
CA GLU A 261 -6.65 -5.83 -37.78
C GLU A 261 -7.72 -6.79 -38.30
N SER A 262 -7.32 -7.66 -39.24
CA SER A 262 -8.24 -8.57 -39.95
C SER A 262 -8.51 -9.86 -39.22
N PRO A 263 -9.71 -10.42 -39.41
CA PRO A 263 -10.16 -11.64 -38.75
C PRO A 263 -9.43 -12.91 -39.23
N CYS A 264 -10.13 -14.04 -39.14
CA CYS A 264 -9.61 -15.32 -39.59
C CYS A 264 -10.14 -15.70 -40.98
N LEU A 265 -9.24 -15.70 -41.96
CA LEU A 265 -9.57 -16.13 -43.33
C LEU A 265 -9.78 -17.65 -43.32
N GLU A 266 -10.91 -18.10 -43.86
CA GLU A 266 -11.16 -19.54 -43.91
C GLU A 266 -10.17 -20.28 -44.84
N CYS A 267 -9.75 -21.45 -44.39
CA CYS A 267 -8.79 -22.28 -45.13
C CYS A 267 -9.02 -22.23 -46.64
N PRO A 268 -7.92 -22.10 -47.42
CA PRO A 268 -8.04 -21.95 -48.88
C PRO A 268 -8.56 -23.22 -49.57
N GLU A 269 -7.98 -23.56 -50.73
CA GLU A 269 -8.35 -24.79 -51.43
C GLU A 269 -7.19 -25.77 -51.48
N HIS A 270 -7.52 -27.06 -51.54
CA HIS A 270 -6.51 -28.12 -51.47
C HIS A 270 -5.77 -27.97 -50.16
N THR A 271 -6.46 -28.25 -49.06
CA THR A 271 -5.93 -27.85 -47.76
C THR A 271 -6.74 -28.52 -46.64
N LEU A 272 -6.03 -29.10 -45.66
CA LEU A 272 -6.64 -29.97 -44.68
C LEU A 272 -7.21 -29.24 -43.47
N PRO A 273 -8.52 -29.44 -43.22
CA PRO A 273 -9.31 -28.85 -42.14
C PRO A 273 -8.49 -28.64 -40.85
N SER A 274 -7.79 -27.50 -40.80
CA SER A 274 -6.86 -27.17 -39.71
C SER A 274 -7.51 -27.35 -38.35
N PRO A 275 -6.67 -27.46 -37.31
CA PRO A 275 -7.17 -27.63 -35.94
C PRO A 275 -7.73 -26.33 -35.33
N GLU A 276 -7.36 -26.06 -34.08
CA GLU A 276 -7.76 -24.83 -33.43
C GLU A 276 -6.64 -23.79 -33.57
N GLY A 277 -6.97 -22.63 -34.14
CA GLY A 277 -6.03 -21.54 -34.21
C GLY A 277 -4.75 -21.96 -34.90
N ALA A 278 -4.80 -21.96 -36.23
CA ALA A 278 -3.64 -22.30 -37.04
C ALA A 278 -3.10 -21.05 -37.69
N THR A 279 -1.80 -20.85 -37.61
CA THR A 279 -1.16 -19.73 -38.29
C THR A 279 -1.36 -19.75 -39.83
N SER A 280 -0.62 -20.62 -40.52
CA SER A 280 -0.80 -20.83 -41.96
C SER A 280 -1.48 -22.17 -42.22
N CYS A 281 -2.30 -22.26 -43.26
CA CYS A 281 -3.13 -23.45 -43.45
C CYS A 281 -2.32 -24.65 -43.96
N GLU A 282 -2.62 -25.83 -43.42
CA GLU A 282 -1.85 -27.04 -43.71
C GLU A 282 -2.13 -27.61 -45.11
N CYS A 283 -1.07 -27.95 -45.83
CA CYS A 283 -1.17 -28.30 -47.24
C CYS A 283 -1.53 -29.77 -47.47
N GLU A 284 -2.19 -30.05 -48.58
CA GLU A 284 -2.62 -31.41 -48.91
C GLU A 284 -1.59 -32.18 -49.75
N GLU A 285 -1.54 -33.49 -49.56
CA GLU A 285 -0.63 -34.33 -50.32
C GLU A 285 -0.97 -34.22 -51.80
N GLY A 286 0.00 -33.79 -52.59
CA GLY A 286 -0.20 -33.56 -54.01
C GLY A 286 -0.52 -32.12 -54.39
N PHE A 287 -0.11 -31.18 -53.54
CA PHE A 287 -0.28 -29.76 -53.80
C PHE A 287 0.80 -28.98 -53.05
N PHE A 288 1.06 -27.73 -53.47
CA PHE A 288 2.26 -27.01 -53.00
C PHE A 288 2.16 -25.45 -52.80
N ARG A 289 3.31 -24.82 -52.57
CA ARG A 289 3.44 -23.36 -52.43
C ARG A 289 4.88 -22.94 -52.71
N ALA A 290 5.06 -21.72 -53.22
CA ALA A 290 6.40 -21.27 -53.60
C ALA A 290 7.11 -20.40 -52.53
N PRO A 291 8.44 -20.23 -52.69
CA PRO A 291 9.30 -19.42 -51.82
C PRO A 291 8.90 -17.95 -51.67
N GLN A 292 8.11 -17.45 -52.61
CA GLN A 292 7.68 -16.06 -52.62
C GLN A 292 6.16 -16.05 -52.58
N ASP A 293 5.63 -17.15 -52.03
CA ASP A 293 4.19 -17.36 -51.94
C ASP A 293 3.63 -16.89 -50.60
N PRO A 294 2.42 -16.35 -50.66
CA PRO A 294 1.55 -16.13 -49.50
C PRO A 294 0.88 -17.44 -49.12
N ALA A 295 0.65 -17.66 -47.84
CA ALA A 295 -0.08 -18.85 -47.41
C ALA A 295 -1.60 -18.65 -47.54
N SER A 296 -2.00 -17.61 -48.26
CA SER A 296 -3.40 -17.39 -48.58
C SER A 296 -3.62 -17.97 -49.95
N MET A 297 -2.66 -17.68 -50.82
CA MET A 297 -2.60 -18.18 -52.19
C MET A 297 -2.55 -19.69 -52.16
N PRO A 298 -3.72 -20.33 -52.35
CA PRO A 298 -4.02 -21.73 -52.05
C PRO A 298 -2.95 -22.76 -52.48
N CYS A 299 -3.28 -24.04 -52.31
CA CYS A 299 -2.37 -25.12 -52.69
C CYS A 299 -2.43 -25.39 -54.20
N THR A 300 -1.26 -25.42 -54.83
CA THR A 300 -1.20 -25.64 -56.28
C THR A 300 -0.38 -26.88 -56.72
N ARG A 301 -0.26 -27.09 -58.02
CA ARG A 301 0.52 -28.20 -58.61
C ARG A 301 1.03 -27.81 -60.00
N PRO A 302 2.13 -28.42 -60.45
CA PRO A 302 2.72 -28.10 -61.75
C PRO A 302 1.72 -28.29 -62.89
N PRO A 303 1.96 -27.66 -64.04
CA PRO A 303 0.94 -27.58 -65.08
C PRO A 303 0.97 -28.76 -66.04
N SER A 304 -0.21 -29.28 -66.34
CA SER A 304 -0.33 -30.29 -67.39
C SER A 304 0.22 -29.77 -68.71
N ALA A 305 0.62 -30.69 -69.58
CA ALA A 305 1.27 -30.33 -70.83
C ALA A 305 0.33 -29.58 -71.76
N PRO A 306 0.92 -28.77 -72.67
CA PRO A 306 0.06 -27.98 -73.57
C PRO A 306 -1.07 -28.87 -74.06
N HIS A 307 -2.30 -28.39 -74.12
CA HIS A 307 -3.36 -29.28 -74.54
C HIS A 307 -3.13 -29.74 -75.98
N TYR A 308 -2.79 -28.79 -76.86
CA TYR A 308 -2.66 -29.03 -78.29
C TYR A 308 -1.31 -28.67 -78.86
N LEU A 309 -0.70 -29.61 -79.57
CA LEU A 309 0.53 -29.30 -80.28
C LEU A 309 0.41 -29.42 -81.80
N THR A 310 1.02 -28.48 -82.53
CA THR A 310 1.15 -28.54 -83.99
C THR A 310 2.45 -27.87 -84.41
N ALA A 311 2.82 -28.02 -85.69
CA ALA A 311 3.98 -27.30 -86.24
C ALA A 311 3.89 -26.99 -87.75
N VAL A 312 3.21 -25.90 -88.10
CA VAL A 312 3.03 -25.50 -89.49
C VAL A 312 4.34 -25.22 -90.26
N GLY A 313 4.73 -26.15 -91.13
CA GLY A 313 5.89 -25.99 -91.98
C GLY A 313 5.71 -24.93 -93.06
N MET A 314 5.32 -23.74 -92.64
CA MET A 314 4.98 -22.61 -93.52
C MET A 314 6.19 -22.07 -94.28
N GLY A 315 6.37 -22.58 -95.50
CA GLY A 315 7.47 -22.17 -96.36
C GLY A 315 8.71 -23.00 -96.13
N ALA A 316 9.70 -22.37 -95.49
CA ALA A 316 10.94 -23.05 -95.14
C ALA A 316 11.08 -22.99 -93.63
N LYS A 317 10.43 -21.98 -93.05
CA LYS A 317 10.48 -21.76 -91.61
C LYS A 317 9.25 -22.38 -90.94
N VAL A 318 9.48 -23.34 -90.04
CA VAL A 318 8.38 -23.96 -89.29
C VAL A 318 7.78 -23.07 -88.18
N GLU A 319 6.53 -22.67 -88.38
CA GLU A 319 5.76 -21.99 -87.34
C GLU A 319 5.28 -22.97 -86.28
N LEU A 320 5.65 -22.74 -85.03
CA LEU A 320 5.19 -23.57 -83.92
C LEU A 320 3.96 -22.97 -83.26
N ARG A 321 2.92 -23.79 -83.07
CA ARG A 321 1.67 -23.27 -82.55
C ARG A 321 1.04 -24.24 -81.55
N TRP A 322 0.90 -23.82 -80.29
CA TRP A 322 0.36 -24.69 -79.23
C TRP A 322 -0.53 -24.00 -78.18
N THR A 323 -1.63 -24.69 -77.87
CA THR A 323 -2.62 -24.32 -76.86
C THR A 323 -2.11 -24.50 -75.41
N PRO A 324 -2.57 -23.61 -74.48
CA PRO A 324 -2.21 -23.56 -73.06
C PRO A 324 -2.96 -24.61 -72.25
N PRO A 325 -2.26 -25.25 -71.29
CA PRO A 325 -2.59 -26.42 -70.49
C PRO A 325 -4.04 -26.49 -70.05
N GLN A 326 -4.53 -27.71 -69.86
CA GLN A 326 -5.92 -27.90 -69.51
C GLN A 326 -6.15 -27.84 -68.00
N ASP A 327 -5.06 -27.98 -67.26
CA ASP A 327 -5.08 -27.82 -65.81
C ASP A 327 -3.88 -26.96 -65.42
N SER A 328 -4.14 -25.68 -65.17
CA SER A 328 -3.09 -24.69 -64.95
C SER A 328 -2.27 -24.98 -63.71
N GLY A 329 -2.83 -25.81 -62.85
CA GLY A 329 -2.30 -26.02 -61.52
C GLY A 329 -2.78 -24.85 -60.71
N GLY A 330 -4.04 -24.48 -60.93
CA GLY A 330 -4.68 -23.37 -60.24
C GLY A 330 -3.87 -22.07 -60.21
N ARG A 331 -2.90 -21.97 -61.10
CA ARG A 331 -2.06 -20.78 -61.13
C ARG A 331 -2.11 -20.01 -62.45
N GLU A 332 -1.44 -18.87 -62.44
CA GLU A 332 -1.35 -18.05 -63.61
C GLU A 332 0.06 -17.53 -63.67
N ASP A 333 1.01 -18.44 -63.84
CA ASP A 333 2.40 -18.06 -63.90
C ASP A 333 3.21 -19.08 -64.67
N ILE A 334 2.66 -19.61 -65.77
CA ILE A 334 3.29 -20.70 -66.54
C ILE A 334 4.31 -20.23 -67.58
N VAL A 335 5.42 -20.96 -67.67
CA VAL A 335 6.55 -20.60 -68.52
C VAL A 335 6.99 -21.74 -69.43
N TYR A 336 6.69 -21.60 -70.72
CA TYR A 336 6.95 -22.66 -71.70
C TYR A 336 8.42 -22.76 -72.06
N SER A 337 8.98 -23.96 -71.83
CA SER A 337 10.38 -24.27 -72.17
C SER A 337 10.39 -25.26 -73.31
N VAL A 338 11.21 -25.02 -74.33
CA VAL A 338 11.20 -25.85 -75.54
C VAL A 338 12.54 -26.50 -75.91
N THR A 339 12.49 -27.77 -76.32
CA THR A 339 13.68 -28.56 -76.66
C THR A 339 13.63 -29.12 -78.10
N CYS A 340 14.72 -29.77 -78.54
CA CYS A 340 14.92 -30.18 -79.94
C CYS A 340 15.66 -31.53 -80.11
N GLU A 341 15.78 -32.00 -81.35
CA GLU A 341 16.45 -33.28 -81.63
C GLU A 341 16.82 -33.48 -83.10
N GLN A 342 17.40 -34.65 -83.40
CA GLN A 342 17.74 -35.04 -84.78
C GLN A 342 17.83 -36.58 -85.00
N CYS A 343 16.68 -37.22 -85.18
CA CYS A 343 16.60 -38.65 -85.54
C CYS A 343 16.73 -38.84 -87.06
N TRP A 344 17.95 -39.04 -87.57
CA TRP A 344 18.20 -39.06 -89.02
C TRP A 344 18.00 -40.43 -89.68
N PRO A 345 17.20 -40.49 -90.77
CA PRO A 345 17.04 -41.73 -91.55
C PRO A 345 17.73 -41.54 -92.91
N SER A 347 19.58 -42.97 -92.36
CA SER A 347 20.33 -43.24 -91.16
C SER A 347 19.43 -43.87 -90.10
N GLY A 348 19.78 -43.72 -88.83
CA GLY A 348 18.88 -44.10 -87.74
C GLY A 348 19.33 -43.45 -86.46
N GLU A 349 20.62 -43.15 -86.41
CA GLU A 349 21.22 -42.66 -85.19
C GLU A 349 20.50 -41.39 -84.77
N CYS A 350 19.84 -41.46 -83.61
CA CYS A 350 19.17 -40.32 -83.04
C CYS A 350 20.17 -39.48 -82.26
N GLY A 351 19.87 -38.19 -82.09
CA GLY A 351 20.76 -37.29 -81.37
C GLY A 351 20.33 -35.83 -81.44
N PRO A 352 20.19 -35.19 -80.28
CA PRO A 352 19.72 -33.81 -80.10
C PRO A 352 20.25 -32.79 -81.10
N CYS A 353 19.46 -31.74 -81.28
CA CYS A 353 19.69 -30.73 -82.31
C CYS A 353 21.08 -30.10 -82.27
N GLU A 354 21.27 -29.13 -83.16
CA GLU A 354 22.46 -28.29 -83.17
C GLU A 354 21.97 -26.85 -83.08
N ALA A 355 22.66 -26.01 -82.31
CA ALA A 355 22.26 -24.61 -82.16
C ALA A 355 22.36 -23.84 -83.47
N SER A 356 22.86 -24.52 -84.51
CA SER A 356 22.96 -24.00 -85.86
C SER A 356 21.63 -23.45 -86.38
N VAL A 357 20.54 -24.06 -85.91
CA VAL A 357 19.20 -23.62 -86.26
C VAL A 357 18.92 -22.26 -85.62
N ARG A 358 18.06 -21.48 -86.25
CA ARG A 358 17.72 -20.16 -85.76
C ARG A 358 16.22 -20.11 -85.47
N TYR A 359 15.85 -19.28 -84.50
CA TYR A 359 14.44 -19.06 -84.18
C TYR A 359 14.11 -17.57 -84.25
N SER A 360 12.93 -17.21 -83.76
CA SER A 360 12.54 -15.80 -83.70
C SER A 360 12.16 -15.43 -82.27
N GLU A 361 12.71 -16.18 -81.32
CA GLU A 361 12.39 -16.02 -79.90
C GLU A 361 13.24 -16.98 -79.08
N PRO A 362 13.64 -16.58 -77.86
CA PRO A 362 14.42 -17.44 -76.94
C PRO A 362 13.73 -18.79 -76.62
N PRO A 363 14.53 -19.86 -76.37
CA PRO A 363 14.01 -21.23 -76.17
C PRO A 363 13.12 -21.43 -74.94
N HIS A 364 13.68 -21.18 -73.75
CA HIS A 364 13.00 -21.50 -72.50
C HIS A 364 12.28 -20.30 -71.90
N GLY A 365 11.22 -20.57 -71.15
CA GLY A 365 10.36 -19.54 -70.61
C GLY A 365 9.69 -18.77 -71.73
N LEU A 366 8.49 -19.21 -72.10
CA LEU A 366 7.75 -18.54 -73.17
C LEU A 366 6.33 -18.15 -72.79
N THR A 367 6.08 -16.85 -72.71
CA THR A 367 4.77 -16.31 -72.43
C THR A 367 3.92 -16.20 -73.70
N ARG A 368 4.40 -16.79 -74.78
CA ARG A 368 3.67 -16.89 -76.03
C ARG A 368 3.39 -18.36 -76.35
N THR A 369 2.57 -18.58 -77.37
CA THR A 369 2.21 -19.94 -77.75
C THR A 369 2.76 -20.32 -79.13
N SER A 370 3.79 -19.61 -79.60
CA SER A 370 4.32 -19.84 -80.95
C SER A 370 5.62 -19.10 -81.24
N VAL A 371 6.46 -19.70 -82.09
CA VAL A 371 7.67 -19.06 -82.61
C VAL A 371 7.82 -19.38 -84.08
N THR A 372 9.02 -19.16 -84.64
CA THR A 372 9.30 -19.53 -86.02
C THR A 372 10.75 -19.97 -86.20
N VAL A 373 10.96 -21.26 -86.49
CA VAL A 373 12.29 -21.84 -86.64
C VAL A 373 12.85 -21.79 -88.07
N SER A 374 13.68 -20.79 -88.35
CA SER A 374 14.40 -20.71 -89.62
C SER A 374 15.78 -21.32 -89.41
N ASP A 375 16.54 -21.47 -90.50
CA ASP A 375 17.91 -21.99 -90.40
C ASP A 375 17.89 -23.52 -90.28
N LEU A 376 17.14 -24.17 -91.16
CA LEU A 376 16.78 -25.58 -91.00
C LEU A 376 17.41 -26.50 -92.04
N GLU A 377 17.30 -27.80 -91.77
CA GLU A 377 17.86 -28.85 -92.62
C GLU A 377 16.76 -29.69 -93.28
N PRO A 378 16.52 -29.47 -94.59
CA PRO A 378 15.48 -30.27 -95.26
C PRO A 378 15.70 -31.78 -95.10
N HIS A 379 14.64 -32.48 -94.70
CA HIS A 379 14.66 -33.93 -94.48
C HIS A 379 15.24 -34.31 -93.11
N MET A 380 14.35 -34.50 -92.14
CA MET A 380 14.72 -34.96 -90.81
C MET A 380 13.44 -35.20 -90.04
N ASN A 381 13.32 -36.36 -89.38
CA ASN A 381 12.22 -36.57 -88.43
C ASN A 381 12.41 -35.55 -87.30
N TYR A 382 12.63 -34.29 -87.68
CA TYR A 382 12.86 -33.15 -86.77
C TYR A 382 11.94 -33.19 -85.55
N THR A 383 12.38 -33.91 -84.52
CA THR A 383 11.60 -34.07 -83.30
C THR A 383 11.65 -32.81 -82.44
N PHE A 384 10.46 -32.37 -82.02
CA PHE A 384 10.31 -31.21 -81.15
C PHE A 384 9.44 -31.54 -79.92
N THR A 385 9.72 -30.86 -78.82
CA THR A 385 8.95 -31.05 -77.59
C THR A 385 8.90 -29.77 -76.76
N VAL A 386 7.69 -29.29 -76.48
CA VAL A 386 7.50 -28.12 -75.66
C VAL A 386 7.07 -28.55 -74.26
N GLU A 387 7.30 -27.71 -73.27
CA GLU A 387 6.94 -28.06 -71.91
C GLU A 387 6.22 -26.92 -71.19
N ALA A 388 5.15 -27.29 -70.50
CA ALA A 388 4.42 -26.37 -69.63
C ALA A 388 4.94 -26.51 -68.21
N ARG A 389 5.61 -25.45 -67.74
CA ARG A 389 6.12 -25.40 -66.38
C ARG A 389 5.71 -24.08 -65.73
N ASN A 390 5.32 -24.14 -64.45
CA ASN A 390 5.03 -22.91 -63.72
C ASN A 390 6.11 -22.51 -62.70
N GLY A 391 5.68 -22.37 -61.44
CA GLY A 391 6.56 -21.99 -60.35
C GLY A 391 6.74 -23.14 -59.36
N VAL A 392 5.66 -23.88 -59.10
CA VAL A 392 5.76 -25.07 -58.27
C VAL A 392 6.27 -26.26 -59.09
N SER A 393 6.76 -26.00 -60.31
CA SER A 393 7.27 -27.04 -61.20
C SER A 393 8.70 -27.49 -60.88
N GLY A 394 9.14 -27.21 -59.66
CA GLY A 394 10.45 -27.64 -59.17
C GLY A 394 10.35 -28.63 -58.01
N LEU A 395 9.19 -28.61 -57.33
CA LEU A 395 8.86 -29.66 -56.36
C LEU A 395 8.36 -30.87 -57.17
N VAL A 396 9.01 -31.10 -58.31
CA VAL A 396 8.65 -32.19 -59.24
C VAL A 396 9.78 -32.57 -60.21
N THR A 397 10.14 -33.86 -60.21
CA THR A 397 11.04 -34.43 -61.24
C THR A 397 10.18 -34.98 -62.38
N SER A 398 9.03 -35.54 -62.00
CA SER A 398 7.98 -35.98 -62.91
C SER A 398 7.61 -34.84 -63.87
N ARG A 399 8.05 -34.97 -65.13
CA ARG A 399 7.85 -33.93 -66.14
C ARG A 399 6.45 -33.93 -66.75
N SER A 400 6.09 -32.82 -67.37
CA SER A 400 4.83 -32.72 -68.11
C SER A 400 5.00 -31.93 -69.41
N PHE A 401 5.14 -32.65 -70.52
CA PHE A 401 5.31 -32.01 -71.82
C PHE A 401 4.62 -32.74 -72.98
N ARG A 402 4.65 -32.10 -74.15
CA ARG A 402 3.93 -32.54 -75.33
C ARG A 402 4.77 -32.20 -76.58
N THR A 403 4.82 -33.15 -77.53
CA THR A 403 5.85 -33.19 -78.57
C THR A 403 5.30 -33.45 -79.98
N ALA A 404 6.07 -33.03 -80.99
CA ALA A 404 5.71 -33.28 -82.39
C ALA A 404 6.94 -33.15 -83.32
N SER A 405 6.81 -33.57 -84.58
CA SER A 405 7.97 -33.65 -85.48
C SER A 405 7.66 -33.10 -86.88
N VAL A 406 8.70 -32.65 -87.62
CA VAL A 406 8.50 -32.07 -88.96
C VAL A 406 9.72 -32.11 -89.92
N SER A 407 9.45 -32.14 -91.24
CA SER A 407 10.50 -32.17 -92.29
C SER A 407 10.18 -31.26 -93.49
N ILE A 408 11.15 -30.44 -93.92
CA ILE A 408 10.88 -29.37 -94.91
C ILE A 408 11.43 -29.60 -96.36
N ASN A 409 10.89 -28.85 -97.32
CA ASN A 409 11.34 -28.93 -98.71
C ASN A 409 10.91 -27.73 -99.55
N VAL B 1 -28.69 19.11 34.25
CA VAL B 1 -30.09 19.37 33.90
C VAL B 1 -30.43 20.86 34.06
N ALA B 2 -29.55 21.72 33.56
CA ALA B 2 -29.73 23.18 33.65
C ALA B 2 -29.96 23.80 32.28
N ASP B 3 -29.53 23.06 31.26
CA ASP B 3 -29.74 23.44 29.87
C ASP B 3 -30.57 22.35 29.18
N ARG B 4 -30.41 21.11 29.66
CA ARG B 4 -31.02 19.94 29.03
C ARG B 4 -31.99 19.22 29.94
N TYR B 5 -33.28 19.29 29.61
CA TYR B 5 -34.33 18.62 30.37
C TYR B 5 -34.75 17.30 29.75
N ALA B 6 -34.51 16.21 30.47
CA ALA B 6 -34.87 14.88 29.98
C ALA B 6 -36.13 14.29 30.61
N VAL B 7 -36.74 13.39 29.83
CA VAL B 7 -38.00 12.74 30.17
C VAL B 7 -38.10 11.43 29.39
N TYR B 8 -38.46 10.36 30.09
CA TYR B 8 -38.64 9.04 29.48
C TYR B 8 -40.14 8.78 29.35
N TRP B 9 -40.57 8.56 28.12
CA TRP B 9 -41.99 8.50 27.76
C TRP B 9 -42.48 7.06 27.71
N ASN B 10 -42.78 6.49 28.88
CA ASN B 10 -43.36 5.16 28.96
C ASN B 10 -44.45 5.16 30.03
N SER B 11 -45.57 4.50 29.74
CA SER B 11 -46.75 4.55 30.62
C SER B 11 -46.43 4.48 32.12
N SER B 12 -45.44 3.65 32.47
CA SER B 12 -45.01 3.49 33.85
C SER B 12 -44.21 4.70 34.36
N ASN B 13 -44.76 5.89 34.19
CA ASN B 13 -44.12 7.08 34.73
C ASN B 13 -45.08 7.82 35.65
N PRO B 14 -44.62 8.12 36.88
CA PRO B 14 -45.42 8.72 37.94
C PRO B 14 -45.72 10.22 37.81
N ARG B 15 -45.13 10.89 36.81
CA ARG B 15 -45.42 12.30 36.57
C ARG B 15 -46.49 12.42 35.48
N PHE B 16 -46.41 11.50 34.52
CA PHE B 16 -47.35 11.39 33.40
C PHE B 16 -48.67 10.73 33.80
N GLN B 17 -48.56 9.60 34.50
CA GLN B 17 -49.71 8.79 34.88
C GLN B 17 -50.68 9.61 35.72
N ARG B 18 -50.19 10.76 36.17
CA ARG B 18 -51.02 11.77 36.78
C ARG B 18 -51.92 12.38 35.70
N GLY B 19 -51.40 13.40 35.02
CA GLY B 19 -52.12 14.06 33.94
C GLY B 19 -51.63 15.49 33.70
N ASP B 20 -50.89 16.05 34.65
CA ASP B 20 -50.48 17.45 34.59
C ASP B 20 -48.97 17.65 34.45
N TYR B 21 -48.24 16.62 34.00
CA TYR B 21 -46.81 16.74 33.79
C TYR B 21 -46.58 18.04 33.05
N HIS B 22 -45.68 18.87 33.58
CA HIS B 22 -45.40 20.16 32.99
C HIS B 22 -44.04 20.63 33.46
N ILE B 23 -43.37 21.43 32.64
CA ILE B 23 -42.00 21.85 32.95
C ILE B 23 -41.68 23.28 32.58
N ASP B 24 -40.55 23.75 33.11
CA ASP B 24 -40.08 25.11 32.91
C ASP B 24 -38.67 25.08 32.33
N VAL B 25 -38.59 25.33 31.03
CA VAL B 25 -37.31 25.41 30.35
C VAL B 25 -37.01 26.87 30.10
N CYS B 26 -35.82 27.14 29.59
CA CYS B 26 -35.47 28.47 29.16
C CYS B 26 -35.24 28.52 27.65
N ILE B 27 -35.20 29.74 27.12
CA ILE B 27 -34.86 29.97 25.71
C ILE B 27 -33.46 29.40 25.56
N ASN B 28 -33.19 28.69 24.46
CA ASN B 28 -31.90 28.02 24.28
C ASN B 28 -31.63 26.85 25.21
N ASP B 29 -32.66 26.11 25.62
CA ASP B 29 -32.45 24.92 26.44
C ASP B 29 -33.09 23.75 25.75
N TYR B 30 -32.63 22.56 26.05
CA TYR B 30 -33.03 21.42 25.24
C TYR B 30 -34.03 20.59 25.98
N LEU B 31 -34.70 19.74 25.22
CA LEU B 31 -35.69 18.84 25.78
C LEU B 31 -35.51 17.45 25.20
N ASP B 32 -34.83 16.58 25.92
CA ASP B 32 -34.63 15.23 25.39
C ASP B 32 -35.81 14.36 25.77
N VAL B 33 -36.33 13.64 24.79
CA VAL B 33 -37.52 12.83 24.99
C VAL B 33 -37.24 11.35 24.66
N PHE B 34 -36.97 10.52 25.68
CA PHE B 34 -36.58 9.11 25.51
C PHE B 34 -37.74 8.13 25.50
N CYS B 35 -37.90 7.43 24.38
CA CYS B 35 -39.01 6.51 24.19
C CYS B 35 -39.02 5.36 25.20
N PRO B 36 -40.04 4.50 25.12
CA PRO B 36 -40.01 3.31 25.98
C PRO B 36 -39.05 2.27 25.41
N HIS B 37 -37.93 2.04 26.09
CA HIS B 37 -36.95 1.06 25.63
C HIS B 37 -37.18 -0.33 26.22
N TYR B 38 -37.02 -1.33 25.37
CA TYR B 38 -37.29 -2.71 25.77
C TYR B 38 -36.20 -3.71 25.40
N GLU B 39 -35.69 -4.37 26.44
CA GLU B 39 -34.75 -5.47 26.32
C GLU B 39 -35.40 -6.55 25.46
N ASP B 40 -34.62 -7.25 24.65
CA ASP B 40 -35.15 -8.23 23.70
C ASP B 40 -36.05 -9.26 24.36
N SER B 41 -36.12 -9.18 25.68
CA SER B 41 -37.00 -9.99 26.49
C SER B 41 -38.32 -9.25 26.74
N VAL B 42 -38.96 -8.83 25.65
CA VAL B 42 -40.28 -8.22 25.73
C VAL B 42 -41.14 -8.71 24.55
N PRO B 43 -42.27 -9.37 24.87
CA PRO B 43 -43.08 -10.17 23.93
C PRO B 43 -43.98 -9.39 22.98
N GLU B 44 -43.50 -8.28 22.44
CA GLU B 44 -44.22 -7.55 21.38
C GLU B 44 -45.48 -6.80 21.83
N ASP B 45 -46.33 -7.45 22.63
CA ASP B 45 -47.58 -6.86 23.10
C ASP B 45 -47.34 -5.86 24.23
N LYS B 46 -46.28 -6.11 24.99
CA LYS B 46 -45.97 -5.30 26.16
C LYS B 46 -44.96 -4.21 25.80
N THR B 47 -44.69 -4.10 24.50
CA THR B 47 -43.78 -3.09 23.99
C THR B 47 -44.54 -1.83 23.60
N GLU B 48 -44.33 -0.77 24.36
CA GLU B 48 -44.97 0.50 24.07
C GLU B 48 -44.36 1.14 22.85
N ARG B 49 -45.23 1.51 21.92
CA ARG B 49 -44.81 2.29 20.78
C ARG B 49 -45.81 3.45 20.65
N TYR B 50 -45.30 4.65 20.36
CA TYR B 50 -46.16 5.83 20.25
C TYR B 50 -45.91 6.62 18.98
N VAL B 51 -46.54 7.79 18.91
CA VAL B 51 -46.30 8.73 17.82
C VAL B 51 -46.43 10.14 18.37
N LEU B 52 -45.30 10.74 18.73
CA LEU B 52 -45.31 12.07 19.34
C LEU B 52 -45.90 13.17 18.45
N TYR B 53 -46.59 14.12 19.08
CA TYR B 53 -47.18 15.24 18.37
C TYR B 53 -46.96 16.54 19.12
N MET B 54 -46.62 17.62 18.40
CA MET B 54 -46.59 18.97 18.96
C MET B 54 -47.84 19.74 18.53
N VAL B 55 -48.69 20.09 19.50
CA VAL B 55 -49.94 20.78 19.23
C VAL B 55 -50.05 22.06 20.08
N ASN B 56 -51.23 22.69 20.09
CA ASN B 56 -51.48 23.88 20.91
C ASN B 56 -52.24 23.57 22.20
N PHE B 57 -53.05 24.51 22.67
CA PHE B 57 -53.84 24.26 23.89
C PHE B 57 -54.97 23.29 23.64
N ASP B 58 -55.87 23.65 22.74
CA ASP B 58 -56.99 22.78 22.43
C ASP B 58 -56.49 21.39 22.14
N GLY B 59 -55.53 21.30 21.21
CA GLY B 59 -54.95 20.04 20.79
C GLY B 59 -54.38 19.24 21.95
N TYR B 60 -53.81 19.96 22.91
CA TYR B 60 -53.27 19.38 24.14
C TYR B 60 -54.40 18.89 25.03
N SER B 61 -55.51 19.63 25.02
CA SER B 61 -56.64 19.40 25.91
C SER B 61 -57.46 18.14 25.56
N ALA B 62 -58.05 18.13 24.38
CA ALA B 62 -58.92 17.01 24.00
C ALA B 62 -58.14 15.86 23.34
N CYS B 63 -56.87 15.73 23.70
CA CYS B 63 -56.00 14.72 23.10
C CYS B 63 -56.38 14.45 21.65
N ASP B 64 -56.41 15.53 20.87
CA ASP B 64 -56.79 15.41 19.47
C ASP B 64 -55.70 15.90 18.52
N HIS B 65 -55.13 14.95 17.78
CA HIS B 65 -54.02 15.25 16.88
C HIS B 65 -54.46 15.38 15.41
N THR B 66 -55.76 15.29 15.17
CA THR B 66 -56.31 15.36 13.81
C THR B 66 -56.50 16.81 13.34
N SER B 67 -57.22 17.59 14.14
CA SER B 67 -57.49 18.99 13.81
C SER B 67 -56.23 19.70 13.34
N LYS B 68 -55.50 20.26 14.29
CA LYS B 68 -54.27 20.97 13.99
C LYS B 68 -53.16 20.47 14.89
N GLY B 69 -51.92 20.70 14.46
CA GLY B 69 -50.77 20.25 15.22
C GLY B 69 -49.79 19.43 14.40
N PHE B 70 -48.52 19.56 14.74
CA PHE B 70 -47.44 18.88 14.05
C PHE B 70 -47.27 17.45 14.52
N LYS B 71 -46.65 16.64 13.66
CA LYS B 71 -46.16 15.33 14.06
C LYS B 71 -44.63 15.42 14.09
N ARG B 72 -44.06 15.42 15.30
CA ARG B 72 -42.64 15.72 15.49
C ARG B 72 -41.71 14.53 15.72
N TRP B 73 -42.15 13.52 16.47
CA TRP B 73 -41.29 12.38 16.77
C TRP B 73 -42.04 11.04 16.65
N GLU B 74 -41.31 9.92 16.59
CA GLU B 74 -41.93 8.60 16.39
C GLU B 74 -41.18 7.40 16.99
N CYS B 75 -41.76 6.81 18.04
CA CYS B 75 -41.16 5.69 18.79
C CYS B 75 -41.51 4.30 18.26
N ASN B 76 -41.26 4.07 16.97
CA ASN B 76 -41.53 2.78 16.33
C ASN B 76 -40.44 1.73 16.61
N ARG B 77 -39.37 2.16 17.27
CA ARG B 77 -38.27 1.25 17.62
C ARG B 77 -38.23 0.99 19.13
N PRO B 78 -38.95 -0.05 19.59
CA PRO B 78 -38.91 -0.50 20.98
C PRO B 78 -37.67 -1.35 21.19
N HIS B 79 -36.93 -1.56 20.11
CA HIS B 79 -35.72 -2.36 20.14
C HIS B 79 -34.58 -1.61 19.42
N SER B 80 -34.23 -0.46 19.95
CA SER B 80 -33.13 0.34 19.41
C SER B 80 -31.82 -0.01 20.12
N PRO B 81 -30.80 -0.35 19.33
CA PRO B 81 -29.45 -0.86 19.61
C PRO B 81 -28.62 -0.19 20.71
N ASN B 82 -28.59 1.14 20.77
CA ASN B 82 -27.69 1.85 21.68
C ASN B 82 -28.39 2.59 22.80
N GLY B 83 -29.18 1.87 23.58
CA GLY B 83 -30.01 2.51 24.57
C GLY B 83 -31.32 2.90 23.92
N PRO B 84 -32.02 3.87 24.53
CA PRO B 84 -33.36 4.27 24.08
C PRO B 84 -33.37 5.20 22.87
N LEU B 85 -34.39 5.03 22.03
CA LEU B 85 -34.63 5.91 20.89
C LEU B 85 -34.83 7.37 21.34
N LYS B 86 -33.89 8.23 20.99
CA LYS B 86 -33.89 9.62 21.47
C LYS B 86 -34.61 10.54 20.50
N PHE B 87 -35.39 11.47 21.04
CA PHE B 87 -35.99 12.55 20.25
C PHE B 87 -35.83 13.88 20.97
N SER B 88 -34.99 14.74 20.40
CA SER B 88 -34.58 15.97 21.08
C SER B 88 -35.29 17.21 20.54
N GLU B 89 -35.34 18.24 21.37
CA GLU B 89 -35.90 19.53 20.99
C GLU B 89 -35.12 20.65 21.67
N LYS B 90 -34.83 21.70 20.91
CA LYS B 90 -34.13 22.88 21.42
C LYS B 90 -35.08 24.08 21.42
N PHE B 91 -35.14 24.79 22.55
CA PHE B 91 -36.06 25.93 22.68
C PHE B 91 -35.38 27.25 22.35
N GLN B 92 -35.14 27.39 21.05
CA GLN B 92 -34.42 28.53 20.49
C GLN B 92 -35.44 29.33 19.76
N LEU B 93 -35.24 30.65 19.76
CA LEU B 93 -36.30 31.54 19.33
C LEU B 93 -36.60 31.26 17.87
N PHE B 94 -35.53 31.02 17.13
CA PHE B 94 -35.59 31.14 15.69
C PHE B 94 -34.90 29.98 14.95
N THR B 95 -35.57 29.46 13.92
CA THR B 95 -35.14 28.27 13.17
C THR B 95 -34.96 28.46 11.65
N PRO B 96 -33.76 28.16 11.11
CA PRO B 96 -33.51 28.22 9.66
C PRO B 96 -33.93 26.98 8.86
N PHE B 97 -35.00 26.31 9.27
CA PHE B 97 -35.57 25.24 8.48
C PHE B 97 -37.07 25.37 8.49
N SER B 98 -37.67 25.16 7.33
CA SER B 98 -39.12 25.07 7.27
C SER B 98 -39.51 23.94 8.21
N LEU B 99 -38.86 22.80 8.03
CA LEU B 99 -38.95 21.70 8.97
C LEU B 99 -39.07 22.20 10.41
N GLY B 100 -37.96 22.63 10.99
CA GLY B 100 -37.89 22.98 12.40
C GLY B 100 -39.06 23.75 13.02
N PHE B 101 -38.99 23.99 14.33
CA PHE B 101 -39.94 24.90 14.93
C PHE B 101 -39.32 25.89 15.93
N GLU B 102 -39.93 27.08 16.00
CA GLU B 102 -39.53 28.19 16.86
C GLU B 102 -40.31 28.30 18.18
N PHE B 103 -39.72 28.98 19.16
CA PHE B 103 -40.22 28.98 20.54
C PHE B 103 -40.18 30.37 21.18
N ARG B 104 -41.35 30.84 21.62
CA ARG B 104 -41.52 32.18 22.17
C ARG B 104 -41.35 32.20 23.69
N PRO B 105 -40.64 33.21 24.21
CA PRO B 105 -40.21 33.32 25.62
C PRO B 105 -41.31 33.87 26.53
N GLY B 106 -42.02 32.96 27.19
CA GLY B 106 -43.15 33.36 28.01
C GLY B 106 -44.45 33.05 27.32
N ARG B 107 -44.45 32.09 26.41
CA ARG B 107 -45.68 31.43 25.98
C ARG B 107 -45.53 30.03 26.51
N GLU B 108 -46.55 29.20 26.38
CA GLU B 108 -46.37 27.80 26.72
C GLU B 108 -46.69 26.89 25.54
N TYR B 109 -46.07 25.72 25.52
CA TYR B 109 -46.24 24.80 24.40
C TYR B 109 -46.70 23.41 24.88
N PHE B 110 -47.22 22.62 23.96
CA PHE B 110 -47.93 21.40 24.34
C PHE B 110 -47.63 20.22 23.43
N TYR B 111 -47.38 19.07 24.06
CA TYR B 111 -47.06 17.81 23.37
C TYR B 111 -47.98 16.68 23.84
N ILE B 112 -48.32 15.76 22.93
CA ILE B 112 -49.25 14.67 23.21
C ILE B 112 -48.95 13.39 22.42
N SER B 113 -49.31 12.23 22.96
CA SER B 113 -48.99 10.95 22.32
C SER B 113 -50.17 9.99 22.06
N SER B 114 -50.05 9.21 20.99
CA SER B 114 -51.01 8.15 20.68
C SER B 114 -50.27 6.88 20.28
N ALA B 115 -50.53 5.79 20.98
CA ALA B 115 -49.79 4.54 20.76
C ALA B 115 -49.85 4.05 19.32
N ILE B 116 -48.70 3.57 18.82
CA ILE B 116 -48.61 2.94 17.48
C ILE B 116 -49.38 1.62 17.39
N PRO B 117 -49.38 0.84 18.47
CA PRO B 117 -50.23 -0.35 18.47
C PRO B 117 -51.69 0.04 18.57
N ASP B 118 -51.96 1.30 18.94
CA ASP B 118 -53.31 1.78 19.22
C ASP B 118 -53.86 1.01 20.44
N ASN B 119 -54.02 1.70 21.57
CA ASN B 119 -54.49 1.04 22.80
C ASN B 119 -55.34 1.91 23.74
N GLY B 120 -56.67 1.86 23.57
CA GLY B 120 -57.62 2.56 24.44
C GLY B 120 -57.88 4.02 24.11
N ARG B 121 -58.56 4.27 22.99
CA ARG B 121 -58.69 5.61 22.37
C ARG B 121 -59.59 6.62 23.11
N ARG B 122 -59.08 7.22 24.19
CA ARG B 122 -59.81 8.20 25.00
C ARG B 122 -58.91 9.13 25.83
N SER B 123 -58.16 8.55 26.76
CA SER B 123 -57.13 9.29 27.51
C SER B 123 -55.83 9.32 26.71
N CYS B 124 -54.75 9.70 27.36
CA CYS B 124 -53.41 9.64 26.76
C CYS B 124 -52.39 10.43 27.57
N LEU B 125 -51.14 10.46 27.07
CA LEU B 125 -50.07 11.18 27.76
C LEU B 125 -49.95 12.62 27.26
N LYS B 126 -49.30 13.47 28.05
CA LYS B 126 -49.18 14.87 27.67
C LYS B 126 -48.19 15.68 28.53
N LEU B 127 -47.31 16.41 27.85
CA LEU B 127 -46.40 17.34 28.50
C LEU B 127 -46.78 18.79 28.20
N LYS B 128 -46.65 19.67 29.20
CA LYS B 128 -46.81 21.09 28.99
C LYS B 128 -45.43 21.72 29.11
N VAL B 129 -45.15 22.76 28.34
CA VAL B 129 -43.88 23.46 28.50
C VAL B 129 -43.97 24.97 28.51
N PHE B 130 -43.60 25.53 29.65
CA PHE B 130 -43.60 26.96 29.82
C PHE B 130 -42.19 27.47 29.62
N VAL B 131 -42.11 28.60 28.96
CA VAL B 131 -40.83 29.21 28.69
C VAL B 131 -40.57 30.38 29.63
N ARG B 132 -39.64 30.21 30.57
CA ARG B 132 -39.25 31.35 31.39
C ARG B 132 -38.90 32.52 30.46
N PRO B 133 -39.26 33.75 30.86
CA PRO B 133 -39.13 34.92 29.97
C PRO B 133 -37.71 35.46 29.80
N THR B 134 -37.60 36.39 28.87
CA THR B 134 -36.36 37.13 28.62
C THR B 134 -35.89 37.76 29.94
N ASN B 135 -35.06 37.05 30.70
CA ASN B 135 -34.46 37.54 31.95
C ASN B 135 -34.90 36.83 33.24
N SER B 136 -35.78 35.85 33.15
CA SER B 136 -36.14 35.02 34.30
C SER B 136 -35.48 33.64 34.25
N CYS B 137 -34.51 33.48 33.34
CA CYS B 137 -33.65 32.29 33.26
C CYS B 137 -32.40 32.52 34.09
N MET B 138 -32.28 33.74 34.62
CA MET B 138 -31.08 34.27 35.27
C MET B 138 -30.26 35.07 34.25
N LYS C 1 10.48 -3.97 13.94
CA LYS C 1 10.44 -2.70 14.67
C LYS C 1 9.01 -2.40 15.12
N GLU C 2 8.85 -2.05 16.40
CA GLU C 2 7.55 -1.62 16.88
C GLU C 2 7.00 -0.65 15.85
N VAL C 3 5.71 -0.76 15.56
CA VAL C 3 4.99 0.24 14.78
C VAL C 3 4.06 0.93 15.75
N VAL C 4 4.25 2.24 15.89
CA VAL C 4 3.47 3.08 16.80
C VAL C 4 2.20 3.62 16.14
N LEU C 5 1.10 3.76 16.86
CA LEU C 5 -0.01 4.51 16.26
C LEU C 5 -0.68 5.51 17.23
N LEU C 6 0.10 6.04 18.16
CA LEU C 6 -0.29 7.27 18.83
C LEU C 6 0.60 7.43 20.03
N ASP C 7 0.90 8.66 20.34
CA ASP C 7 1.89 8.89 21.35
C ASP C 7 1.61 10.26 21.94
N PHE C 8 0.54 10.37 22.73
CA PHE C 8 0.20 11.63 23.38
C PHE C 8 1.51 12.20 23.84
N ALA C 9 2.21 11.38 24.61
CA ALA C 9 3.52 11.70 25.12
C ALA C 9 4.35 12.63 24.19
N ALA C 10 4.21 12.48 22.87
CA ALA C 10 5.05 13.25 21.96
C ALA C 10 4.33 14.38 21.20
N ALA C 11 2.99 14.34 21.19
CA ALA C 11 2.21 15.34 20.47
C ALA C 11 2.57 16.77 20.87
N GLY C 12 3.31 16.92 21.96
CA GLY C 12 3.60 18.25 22.51
C GLY C 12 2.39 18.79 23.24
N GLY C 13 1.49 17.86 23.60
CA GLY C 13 0.20 18.21 24.17
C GLY C 13 -0.51 19.11 23.19
N GLU C 14 -0.20 18.97 21.93
CA GLU C 14 -0.97 19.67 20.94
C GLU C 14 -2.03 18.68 20.57
N LEU C 15 -2.24 17.69 21.43
CA LEU C 15 -3.17 16.65 21.06
C LEU C 15 -4.57 17.05 21.41
N GLY C 16 -5.02 16.73 22.61
CA GLY C 16 -6.36 17.14 22.97
C GLY C 16 -7.40 16.08 22.63
N TRP C 17 -7.64 15.21 23.60
CA TRP C 17 -8.63 14.16 23.53
C TRP C 17 -9.89 14.69 24.17
N LEU C 18 -10.99 14.03 23.87
CA LEU C 18 -12.29 14.39 24.42
C LEU C 18 -12.42 14.13 25.95
N THR C 19 -13.35 14.86 26.58
CA THR C 19 -13.69 14.68 28.00
C THR C 19 -15.21 14.62 28.21
N HIS C 20 -15.61 13.93 29.26
CA HIS C 20 -17.02 13.78 29.57
C HIS C 20 -17.11 13.12 30.92
N PRO C 21 -17.55 13.83 31.96
CA PRO C 21 -18.14 15.18 32.05
C PRO C 21 -17.29 16.15 31.28
N TYR C 22 -17.96 16.93 30.45
CA TYR C 22 -17.30 17.85 29.55
C TYR C 22 -16.62 18.96 30.34
N GLY C 23 -15.31 19.09 30.13
CA GLY C 23 -14.47 20.01 30.88
C GLY C 23 -14.67 19.93 32.38
N LYS C 24 -15.48 18.98 32.81
CA LYS C 24 -15.82 18.84 34.22
C LYS C 24 -15.10 17.67 34.89
N GLY C 25 -14.43 16.85 34.08
CA GLY C 25 -13.74 15.67 34.58
C GLY C 25 -12.24 15.84 34.67
N TRP C 26 -11.57 15.52 33.57
CA TRP C 26 -10.13 15.64 33.51
C TRP C 26 -9.80 16.94 32.80
N ASP C 27 -8.54 17.37 32.89
CA ASP C 27 -8.05 18.45 32.05
C ASP C 27 -6.54 18.38 31.87
N LEU C 28 -6.06 18.99 30.80
CA LEU C 28 -4.67 18.88 30.37
C LEU C 28 -3.83 20.00 30.98
N MET C 29 -2.97 19.66 31.92
CA MET C 29 -2.20 20.70 32.59
C MET C 29 -0.80 20.64 32.05
N GLN C 30 0.01 21.66 32.30
CA GLN C 30 1.30 21.72 31.66
C GLN C 30 2.49 22.21 32.50
N ASN C 31 3.37 21.29 32.87
CA ASN C 31 4.55 21.66 33.65
C ASN C 31 5.83 21.74 32.84
N ILE C 32 6.81 22.44 33.39
CA ILE C 32 8.12 22.45 32.78
C ILE C 32 8.94 21.47 33.56
N MET C 33 9.26 20.35 32.92
CA MET C 33 10.14 19.37 33.51
C MET C 33 11.46 19.40 32.78
N ASN C 34 12.51 19.00 33.47
CA ASN C 34 13.85 18.92 32.89
C ASN C 34 14.18 20.06 31.96
N ASP C 35 13.60 21.22 32.23
CA ASP C 35 13.89 22.41 31.45
C ASP C 35 13.30 22.31 30.04
N MET C 36 12.25 21.50 29.92
CA MET C 36 11.44 21.42 28.70
C MET C 36 9.99 21.07 29.03
N PRO C 37 9.04 21.60 28.24
CA PRO C 37 7.60 21.53 28.53
C PRO C 37 7.09 20.11 28.46
N ILE C 38 6.08 19.81 29.27
CA ILE C 38 5.50 18.46 29.30
C ILE C 38 4.01 18.60 29.65
N TYR C 39 3.17 17.83 28.99
CA TYR C 39 1.75 18.01 29.18
C TYR C 39 1.14 16.74 29.74
N MET C 40 0.06 16.90 30.51
CA MET C 40 -0.63 15.75 31.10
C MET C 40 -2.12 15.95 31.27
N TYR C 41 -2.85 14.87 31.08
CA TYR C 41 -4.29 14.87 31.27
C TYR C 41 -4.52 14.34 32.68
N SER C 42 -4.87 15.22 33.61
CA SER C 42 -5.05 14.84 35.01
C SER C 42 -6.49 14.96 35.52
N VAL C 43 -6.83 14.12 36.48
CA VAL C 43 -8.07 14.26 37.25
C VAL C 43 -7.71 14.16 38.71
N CYS C 44 -8.65 14.58 39.56
CA CYS C 44 -8.48 14.59 41.01
C CYS C 44 -9.66 15.17 41.76
N ASN C 45 -10.64 14.34 42.04
CA ASN C 45 -11.82 14.76 42.75
C ASN C 45 -12.01 13.91 43.98
N VAL C 46 -10.94 13.74 44.76
CA VAL C 46 -11.02 12.95 46.01
C VAL C 46 -12.30 13.24 46.82
N MET C 47 -12.79 14.48 46.71
CA MET C 47 -13.85 15.05 47.56
C MET C 47 -15.27 14.84 47.03
N SER C 48 -15.57 15.47 45.89
CA SER C 48 -16.92 15.50 45.31
C SER C 48 -17.71 14.15 45.39
N GLY C 49 -16.98 13.05 45.60
CA GLY C 49 -17.56 11.76 45.94
C GLY C 49 -17.91 10.76 44.84
N ASP C 50 -19.02 11.01 44.15
CA ASP C 50 -19.46 10.15 43.05
C ASP C 50 -18.81 10.60 41.73
N GLN C 51 -17.61 10.06 41.47
CA GLN C 51 -16.83 10.39 40.27
C GLN C 51 -16.98 9.35 39.14
N ASP C 52 -17.32 9.83 37.95
CA ASP C 52 -17.35 9.04 36.73
C ASP C 52 -16.86 9.94 35.60
N ASN C 53 -15.57 10.27 35.65
CA ASN C 53 -14.96 11.19 34.68
C ASN C 53 -14.06 10.51 33.65
N TRP C 54 -14.42 10.63 32.38
CA TRP C 54 -13.72 9.96 31.33
C TRP C 54 -12.75 10.86 30.63
N LEU C 55 -12.17 10.31 29.56
CA LEU C 55 -11.05 10.86 28.82
C LEU C 55 -10.91 9.93 27.65
N ARG C 56 -11.63 10.16 26.56
CA ARG C 56 -11.56 9.23 25.43
C ARG C 56 -10.49 9.64 24.43
N THR C 57 -10.03 8.67 23.66
CA THR C 57 -9.00 8.93 22.66
C THR C 57 -9.57 9.41 21.33
N ASN C 58 -8.69 9.74 20.39
CA ASN C 58 -9.09 10.22 19.07
C ASN C 58 -8.94 9.09 18.11
N TRP C 59 -10.06 8.67 17.54
CA TRP C 59 -10.10 7.45 16.74
C TRP C 59 -8.76 7.05 16.21
N VAL C 60 -8.26 5.93 16.70
CA VAL C 60 -7.07 5.38 16.11
C VAL C 60 -7.46 4.37 15.03
N TYR C 61 -6.91 4.59 13.84
CA TYR C 61 -6.94 3.64 12.75
C TYR C 61 -6.05 2.48 13.18
N ARG C 62 -6.56 1.27 12.98
CA ARG C 62 -5.82 0.06 13.34
C ARG C 62 -4.62 -0.26 12.45
N GLY C 63 -4.81 -0.20 11.13
CA GLY C 63 -3.79 -0.67 10.23
C GLY C 63 -3.86 -2.18 10.10
N GLU C 64 -2.73 -2.85 10.26
CA GLU C 64 -2.71 -4.29 10.07
C GLU C 64 -2.83 -5.01 11.40
N ALA C 65 -2.20 -4.41 12.41
CA ALA C 65 -2.12 -4.96 13.76
C ALA C 65 -3.34 -5.76 14.18
N GLU C 66 -3.13 -6.85 14.90
CA GLU C 66 -4.24 -7.63 15.41
C GLU C 66 -4.32 -7.59 16.92
N ARG C 67 -3.17 -7.35 17.55
CA ARG C 67 -3.11 -7.20 18.99
C ARG C 67 -2.25 -5.97 19.30
N ILE C 68 -2.84 -4.97 19.96
CA ILE C 68 -2.13 -3.71 20.27
C ILE C 68 -1.64 -3.57 21.72
N PHE C 69 -0.50 -2.92 21.88
CA PHE C 69 0.13 -2.77 23.18
C PHE C 69 0.11 -1.32 23.60
N ILE C 70 -0.16 -1.07 24.89
CA ILE C 70 -0.51 0.26 25.43
C ILE C 70 0.36 0.73 26.60
N GLU C 71 1.26 1.70 26.41
CA GLU C 71 2.16 2.06 27.49
C GLU C 71 1.82 3.33 28.30
N LEU C 72 1.13 3.14 29.42
CA LEU C 72 0.71 4.22 30.33
C LEU C 72 1.86 4.74 31.23
N LYS C 73 1.98 6.05 31.35
CA LYS C 73 2.97 6.62 32.28
C LYS C 73 2.36 7.77 33.11
N PHE C 74 2.28 7.54 34.43
CA PHE C 74 1.48 8.35 35.33
C PHE C 74 2.02 8.34 36.76
N THR C 75 1.61 9.34 37.55
CA THR C 75 1.74 9.30 39.00
C THR C 75 0.34 9.25 39.62
N VAL C 76 0.18 8.39 40.62
CA VAL C 76 -1.02 8.40 41.47
C VAL C 76 -0.56 8.98 42.79
N ARG C 77 -1.47 9.54 43.58
CA ARG C 77 -1.04 10.13 44.82
C ARG C 77 -1.73 9.56 46.05
N ASP C 78 -0.91 9.41 47.09
CA ASP C 78 -1.26 8.86 48.40
C ASP C 78 -2.55 9.42 48.94
N CYS C 79 -3.46 8.55 49.34
CA CYS C 79 -4.74 9.06 49.85
C CYS C 79 -4.61 9.58 51.30
N ASN C 80 -3.40 9.43 51.83
CA ASN C 80 -3.05 9.84 53.18
C ASN C 80 -2.04 10.98 53.15
N SER C 81 -2.02 11.74 52.06
CA SER C 81 -1.29 13.01 52.08
C SER C 81 -2.31 14.14 51.99
N PHE C 82 -3.57 13.79 52.23
CA PHE C 82 -4.70 14.72 52.16
C PHE C 82 -5.08 15.33 53.49
N PRO C 83 -4.77 16.63 53.67
CA PRO C 83 -5.28 17.49 54.74
C PRO C 83 -6.81 17.51 54.78
N GLY C 84 -7.46 17.88 53.68
CA GLY C 84 -8.90 17.72 53.55
C GLY C 84 -9.25 16.25 53.79
N GLY C 85 -8.38 15.37 53.29
CA GLY C 85 -8.45 13.95 53.57
C GLY C 85 -9.44 13.18 52.74
N ALA C 86 -10.70 13.63 52.78
CA ALA C 86 -11.86 12.93 52.20
C ALA C 86 -11.60 11.53 51.65
N SER C 87 -12.42 10.59 52.10
CA SER C 87 -12.22 9.17 51.87
C SER C 87 -12.52 8.69 50.45
N SER C 88 -13.57 9.25 49.81
CA SER C 88 -14.04 8.78 48.49
C SER C 88 -12.93 8.49 47.47
N CYS C 89 -11.78 9.11 47.71
CA CYS C 89 -10.49 8.79 47.13
C CYS C 89 -10.33 7.32 46.76
N LYS C 90 -9.79 7.10 45.57
CA LYS C 90 -9.34 5.77 45.19
C LYS C 90 -7.88 5.87 44.76
N GLU C 91 -7.29 4.72 44.43
CA GLU C 91 -5.91 4.66 43.95
C GLU C 91 -5.81 4.02 42.55
N THR C 92 -6.96 3.69 41.98
CA THR C 92 -7.07 3.02 40.70
C THR C 92 -8.00 3.72 39.68
N PHE C 93 -7.61 3.68 38.40
CA PHE C 93 -8.54 4.03 37.32
C PHE C 93 -8.70 2.92 36.33
N ASN C 94 -9.41 3.22 35.25
CA ASN C 94 -9.87 2.17 34.40
C ASN C 94 -9.40 2.29 32.94
N LEU C 95 -9.17 1.14 32.27
CA LEU C 95 -8.81 1.17 30.85
C LEU C 95 -9.92 0.56 30.01
N TYR C 96 -10.39 1.30 29.02
CA TYR C 96 -11.43 0.78 28.14
C TYR C 96 -11.02 0.89 26.67
N TYR C 97 -11.69 0.14 25.81
CA TYR C 97 -11.40 0.25 24.40
C TYR C 97 -12.68 0.15 23.58
N ALA C 98 -12.67 0.69 22.37
CA ALA C 98 -13.82 0.53 21.49
C ALA C 98 -13.45 0.46 20.00
N GLU C 99 -13.96 -0.55 19.32
CA GLU C 99 -13.62 -0.70 17.92
C GLU C 99 -14.74 -0.10 17.15
N SER C 100 -14.40 0.77 16.23
CA SER C 100 -15.40 1.42 15.42
C SER C 100 -15.03 1.45 13.95
N ASP C 101 -15.97 1.13 13.09
CA ASP C 101 -15.65 1.16 11.68
C ASP C 101 -15.40 2.59 11.16
N LEU C 102 -15.57 3.60 12.03
CA LEU C 102 -15.46 5.02 11.64
C LEU C 102 -15.13 5.97 12.81
N ASP C 103 -15.13 7.30 12.61
CA ASP C 103 -14.89 8.25 13.71
C ASP C 103 -16.21 8.72 14.28
N TYR C 104 -16.15 9.51 15.33
CA TYR C 104 -17.36 9.93 16.01
C TYR C 104 -17.20 11.33 16.61
N GLY C 105 -16.09 11.98 16.24
CA GLY C 105 -15.81 13.37 16.60
C GLY C 105 -15.80 13.69 18.08
N THR C 106 -16.96 13.49 18.69
CA THR C 106 -17.28 14.02 20.01
C THR C 106 -18.51 13.30 20.57
N ASN C 107 -19.33 12.77 19.67
CA ASN C 107 -20.32 11.77 20.03
C ASN C 107 -19.62 10.74 20.90
N PHE C 108 -20.13 10.50 22.10
CA PHE C 108 -19.45 9.59 23.04
C PHE C 108 -20.41 8.70 23.85
N GLN C 109 -20.90 7.62 23.26
CA GLN C 109 -21.75 6.70 24.02
C GLN C 109 -20.88 5.81 24.91
N LYS C 110 -21.09 5.93 26.23
CA LYS C 110 -20.23 5.34 27.25
C LYS C 110 -20.43 3.83 27.39
N ARG C 111 -21.35 3.30 26.61
CA ARG C 111 -21.79 1.92 26.78
C ARG C 111 -21.26 1.00 25.69
N LEU C 112 -20.14 1.37 25.06
CA LEU C 112 -19.55 0.46 24.10
C LEU C 112 -18.06 0.37 24.32
N PHE C 113 -17.62 0.86 25.46
CA PHE C 113 -16.21 0.81 25.80
C PHE C 113 -15.84 -0.40 26.64
N THR C 114 -15.72 -1.55 26.01
CA THR C 114 -15.34 -2.76 26.72
C THR C 114 -14.18 -2.52 27.70
N LYS C 115 -14.33 -2.98 28.94
CA LYS C 115 -13.27 -2.78 29.94
C LYS C 115 -12.15 -3.77 29.70
N ILE C 116 -11.00 -3.22 29.35
CA ILE C 116 -9.78 -3.98 29.34
C ILE C 116 -9.41 -4.35 30.78
N ASP C 117 -8.90 -3.39 31.52
CA ASP C 117 -8.33 -3.71 32.80
C ASP C 117 -8.17 -2.51 33.72
N THR C 118 -8.10 -2.85 35.00
CA THR C 118 -7.82 -1.91 36.07
C THR C 118 -6.33 -1.64 36.17
N ILE C 119 -6.00 -0.36 36.27
CA ILE C 119 -4.62 0.05 36.43
C ILE C 119 -4.48 0.51 37.90
N ALA C 120 -3.27 0.33 38.43
CA ALA C 120 -2.90 0.78 39.77
C ALA C 120 -1.38 0.86 39.76
N PRO C 121 -0.83 1.73 40.62
CA PRO C 121 0.57 2.19 40.65
C PRO C 121 1.61 1.24 41.28
N ASP C 122 2.66 0.91 40.52
CA ASP C 122 3.84 0.22 41.05
C ASP C 122 4.34 0.95 42.29
N GLU C 123 4.16 2.27 42.28
CA GLU C 123 4.72 3.15 43.29
C GLU C 123 3.83 4.41 43.47
N ILE C 124 3.96 5.10 44.61
CA ILE C 124 3.06 6.21 44.98
C ILE C 124 3.78 7.50 45.43
N THR C 125 3.25 8.65 45.04
CA THR C 125 3.82 9.94 45.45
C THR C 125 3.27 10.42 46.81
N VAL C 126 4.09 10.34 47.86
CA VAL C 126 3.66 10.74 49.22
C VAL C 126 3.98 12.20 49.51
N SER C 127 3.43 12.71 50.60
CA SER C 127 3.70 14.06 51.07
C SER C 127 5.20 14.34 51.05
N SER C 128 5.93 13.51 51.81
CA SER C 128 7.39 13.50 51.85
C SER C 128 8.05 13.71 50.49
N ASP C 129 7.35 13.31 49.42
CA ASP C 129 7.89 13.30 48.05
C ASP C 129 7.78 14.63 47.34
N PHE C 130 6.80 15.42 47.73
CA PHE C 130 6.58 16.73 47.12
C PHE C 130 7.66 17.69 47.59
N GLU C 131 7.72 17.90 48.90
CA GLU C 131 8.60 18.91 49.47
C GLU C 131 10.05 18.82 48.99
N ALA C 132 10.47 17.62 48.58
CA ALA C 132 11.80 17.42 48.02
C ALA C 132 11.76 17.35 46.49
N ARG C 133 10.58 17.01 45.94
CA ARG C 133 10.28 17.03 44.50
C ARG C 133 10.88 15.92 43.63
N HIS C 134 10.57 14.68 44.02
CA HIS C 134 10.87 13.54 43.19
C HIS C 134 9.59 13.12 42.49
N VAL C 135 9.72 12.83 41.21
CA VAL C 135 8.64 12.21 40.44
C VAL C 135 8.67 10.70 40.58
N LYS C 136 7.60 10.16 41.12
CA LYS C 136 7.45 8.71 41.20
C LYS C 136 6.42 8.26 40.17
N LEU C 137 6.94 7.81 39.03
CA LEU C 137 6.19 7.68 37.79
C LEU C 137 5.99 6.25 37.33
N ASN C 138 4.84 5.64 37.66
CA ASN C 138 4.60 4.26 37.27
C ASN C 138 4.49 4.05 35.79
N VAL C 139 5.41 3.30 35.22
CA VAL C 139 5.28 2.81 33.86
C VAL C 139 4.41 1.59 33.90
N GLU C 140 3.55 1.46 32.91
CA GLU C 140 2.54 0.41 32.93
C GLU C 140 2.17 0.05 31.51
N GLU C 141 2.12 -1.24 31.21
CA GLU C 141 1.67 -1.71 29.91
C GLU C 141 0.58 -2.74 30.05
N ARG C 142 -0.27 -2.84 29.02
CA ARG C 142 -1.26 -3.91 28.88
C ARG C 142 -1.64 -3.92 27.41
N SER C 143 -2.37 -4.97 26.97
CA SER C 143 -2.55 -5.27 25.54
C SER C 143 -3.87 -5.95 25.27
N VAL C 144 -4.16 -6.21 23.99
CA VAL C 144 -5.43 -6.82 23.60
C VAL C 144 -5.64 -6.87 22.07
N GLY C 145 -6.28 -7.94 21.61
CA GLY C 145 -6.61 -8.20 20.22
C GLY C 145 -7.35 -9.53 20.27
N PRO C 146 -7.82 -10.03 19.12
CA PRO C 146 -7.65 -9.44 17.80
C PRO C 146 -8.63 -8.29 17.57
N LEU C 147 -8.13 -7.15 17.11
CA LEU C 147 -9.04 -6.09 16.72
C LEU C 147 -9.56 -6.51 15.35
N THR C 148 -10.75 -6.06 14.97
CA THR C 148 -11.37 -6.57 13.76
C THR C 148 -11.95 -5.47 12.85
N ARG C 149 -11.61 -4.22 13.13
CA ARG C 149 -12.21 -3.11 12.41
C ARG C 149 -11.20 -2.00 12.12
N LYS C 150 -11.63 -0.99 11.36
CA LYS C 150 -10.72 0.03 10.87
C LYS C 150 -10.12 0.95 11.95
N GLY C 151 -10.71 1.01 13.13
CA GLY C 151 -10.19 1.91 14.15
C GLY C 151 -10.76 1.67 15.54
N PHE C 152 -10.06 2.13 16.56
CA PHE C 152 -10.53 1.86 17.90
C PHE C 152 -10.51 3.13 18.81
N TYR C 153 -10.91 2.97 20.08
CA TYR C 153 -10.78 4.03 21.08
C TYR C 153 -10.27 3.47 22.41
N LEU C 154 -9.39 4.23 23.05
CA LEU C 154 -9.02 3.97 24.44
C LEU C 154 -9.73 5.03 25.26
N ALA C 155 -10.02 4.72 26.52
CA ALA C 155 -10.59 5.69 27.43
C ALA C 155 -10.04 5.50 28.84
N PHE C 156 -10.26 6.50 29.66
CA PHE C 156 -9.86 6.42 31.05
C PHE C 156 -10.95 7.03 31.90
N GLN C 157 -11.77 6.16 32.48
CA GLN C 157 -12.75 6.63 33.44
C GLN C 157 -12.18 6.47 34.84
N ASP C 158 -12.06 7.60 35.54
CA ASP C 158 -11.66 7.67 36.94
C ASP C 158 -12.89 7.50 37.83
N ILE C 159 -12.67 6.94 39.02
CA ILE C 159 -13.74 6.79 39.99
C ILE C 159 -13.42 7.67 41.20
N GLY C 160 -12.53 8.63 40.98
CA GLY C 160 -12.19 9.60 41.98
C GLY C 160 -10.88 9.26 42.63
N ALA C 161 -9.80 9.78 42.06
CA ALA C 161 -8.47 9.59 42.61
C ALA C 161 -7.65 10.67 42.00
N CYS C 162 -6.38 10.75 42.36
CA CYS C 162 -5.52 11.80 41.80
C CYS C 162 -4.39 11.26 40.92
N VAL C 163 -4.57 11.36 39.59
CA VAL C 163 -3.64 10.77 38.61
C VAL C 163 -2.94 11.75 37.69
N ALA C 164 -1.88 11.29 37.02
CA ALA C 164 -1.08 12.14 36.14
C ALA C 164 -0.71 11.45 34.83
N LEU C 165 -1.65 11.36 33.88
CA LEU C 165 -1.40 10.68 32.59
C LEU C 165 -0.34 11.35 31.70
N LEU C 166 0.93 11.12 32.01
CA LEU C 166 2.04 11.76 31.29
C LEU C 166 2.22 11.23 29.86
N SER C 167 1.83 9.98 29.63
CA SER C 167 2.12 9.25 28.40
C SER C 167 1.13 8.13 28.06
N VAL C 168 0.43 8.27 26.95
CA VAL C 168 -0.13 7.10 26.27
C VAL C 168 0.72 6.90 25.01
N ARG C 169 0.80 5.62 24.60
CA ARG C 169 1.71 5.14 23.59
C ARG C 169 1.21 3.77 23.20
N VAL C 170 0.51 3.70 22.09
CA VAL C 170 -0.03 2.44 21.58
C VAL C 170 0.73 2.00 20.32
N TYR C 171 1.15 0.73 20.28
CA TYR C 171 1.90 0.20 19.14
C TYR C 171 1.64 -1.29 18.94
N TYR C 172 2.02 -1.80 17.78
CA TYR C 172 2.01 -3.25 17.55
C TYR C 172 3.39 -3.76 17.13
N LYS C 173 3.47 -5.05 16.82
CA LYS C 173 4.77 -5.69 16.67
C LYS C 173 4.96 -6.50 15.38
N LYS C 174 6.05 -6.23 14.69
CA LYS C 174 6.39 -7.01 13.52
C LYS C 174 7.73 -7.70 13.74
N CYS C 175 7.87 -8.87 13.11
CA CYS C 175 9.13 -9.55 13.00
C CYS C 175 9.80 -8.86 11.83
N PRO C 176 11.09 -8.51 11.96
CA PRO C 176 11.82 -7.61 11.05
C PRO C 176 12.23 -8.21 9.70
N GLU C 177 12.50 -7.34 8.72
CA GLU C 177 13.11 -7.77 7.47
C GLU C 177 14.43 -8.42 7.83
N LEU C 178 14.54 -9.72 7.54
CA LEU C 178 15.59 -10.56 8.13
C LEU C 178 16.32 -11.44 7.15
N LEU C 179 17.64 -11.27 7.12
CA LEU C 179 18.55 -12.13 6.35
C LEU C 179 19.29 -13.08 7.28
N GLN C 180 19.10 -14.36 7.02
CA GLN C 180 19.73 -15.39 7.80
C GLN C 180 19.46 -16.72 7.15
N GLY C 181 20.53 -17.48 6.98
CA GLY C 181 20.42 -18.76 6.33
C GLY C 181 20.65 -18.65 4.86
N LEU C 182 21.11 -17.49 4.39
CA LEU C 182 21.20 -17.21 2.95
C LEU C 182 19.83 -17.33 2.28
N ALA C 183 18.83 -16.84 2.99
CA ALA C 183 17.46 -16.79 2.50
C ALA C 183 16.87 -15.51 3.04
N HIS C 184 15.84 -15.01 2.38
CA HIS C 184 15.26 -13.74 2.77
C HIS C 184 13.84 -13.85 3.27
N PHE C 185 13.72 -13.63 4.58
CA PHE C 185 12.43 -13.63 5.22
C PHE C 185 11.90 -12.18 5.29
N PRO C 186 10.64 -11.99 4.86
CA PRO C 186 10.02 -10.70 4.58
C PRO C 186 10.12 -9.80 5.77
N GLU C 187 8.98 -9.24 6.12
CA GLU C 187 8.82 -8.58 7.39
C GLU C 187 7.35 -8.71 7.67
N THR C 188 6.98 -9.82 8.29
CA THR C 188 5.60 -10.00 8.73
C THR C 188 5.34 -9.61 10.21
N ILE C 189 4.14 -9.07 10.42
CA ILE C 189 3.78 -8.43 11.66
C ILE C 189 3.16 -9.46 12.57
N ALA C 190 3.68 -9.50 13.78
CA ALA C 190 3.26 -10.47 14.78
C ALA C 190 1.75 -10.59 14.83
N GLY C 191 1.27 -11.75 15.29
CA GLY C 191 -0.15 -12.01 15.36
C GLY C 191 -0.69 -11.95 16.77
N SER C 192 -1.96 -12.30 16.92
CA SER C 192 -2.63 -12.20 18.21
C SER C 192 -2.42 -13.41 19.11
N ASP C 193 -3.04 -14.55 18.76
CA ASP C 193 -3.10 -15.75 19.62
C ASP C 193 -1.88 -15.99 20.53
N ALA C 194 -2.15 -16.53 21.72
CA ALA C 194 -1.13 -16.73 22.75
C ALA C 194 0.07 -17.62 22.35
N PRO C 195 -0.17 -18.74 21.65
CA PRO C 195 0.94 -19.55 21.13
C PRO C 195 1.27 -19.17 19.68
N SER C 196 0.26 -19.24 18.81
CA SER C 196 0.38 -18.96 17.38
C SER C 196 1.74 -18.40 16.97
N LEU C 197 2.38 -19.14 16.08
CA LEU C 197 3.62 -18.75 15.46
C LEU C 197 3.34 -18.66 13.97
N ALA C 198 4.00 -17.71 13.32
CA ALA C 198 3.77 -17.44 11.91
C ALA C 198 4.66 -18.34 11.08
N THR C 199 4.11 -18.94 10.03
CA THR C 199 4.95 -19.74 9.14
C THR C 199 5.36 -18.94 7.89
N VAL C 200 6.50 -18.31 8.04
CA VAL C 200 7.03 -17.43 7.04
C VAL C 200 7.88 -18.22 6.07
N ALA C 201 7.40 -18.38 4.84
CA ALA C 201 8.24 -18.99 3.82
C ALA C 201 9.27 -17.97 3.38
N GLY C 202 10.54 -18.23 3.65
CA GLY C 202 11.59 -17.35 3.18
C GLY C 202 11.98 -17.70 1.74
N THR C 203 12.31 -16.67 0.95
CA THR C 203 12.72 -16.83 -0.45
C THR C 203 14.26 -17.00 -0.53
N CYS C 204 14.80 -17.44 -1.66
CA CYS C 204 16.24 -17.70 -1.74
C CYS C 204 17.08 -16.59 -2.32
N VAL C 205 18.14 -16.20 -1.61
CA VAL C 205 18.97 -15.08 -2.05
C VAL C 205 19.56 -15.37 -3.42
N ASP C 206 20.29 -14.40 -3.98
CA ASP C 206 20.91 -14.51 -5.32
C ASP C 206 22.01 -15.58 -5.39
N HIS C 207 21.82 -16.53 -6.31
CA HIS C 207 22.66 -17.72 -6.42
C HIS C 207 22.60 -18.44 -5.09
N ALA C 208 21.67 -19.38 -4.98
CA ALA C 208 21.48 -20.11 -3.75
C ALA C 208 20.26 -20.99 -3.90
N VAL C 209 20.37 -22.25 -3.45
CA VAL C 209 19.23 -23.17 -3.56
C VAL C 209 19.16 -24.38 -2.62
N VAL C 210 17.96 -24.95 -2.58
CA VAL C 210 17.63 -26.14 -1.81
C VAL C 210 18.01 -27.43 -2.55
N PRO C 211 18.82 -28.27 -1.88
CA PRO C 211 19.38 -29.54 -2.37
C PRO C 211 18.37 -30.72 -2.56
N PRO C 212 17.57 -31.04 -1.51
CA PRO C 212 16.57 -32.11 -1.62
C PRO C 212 15.47 -31.82 -2.65
N GLU C 215 15.75 -29.10 1.74
CA GLU C 215 14.94 -28.65 2.88
C GLU C 215 14.59 -27.15 2.85
N GLU C 216 13.36 -26.88 2.44
CA GLU C 216 12.76 -25.56 2.32
C GLU C 216 13.16 -24.55 3.38
N PRO C 217 13.54 -23.33 2.96
CA PRO C 217 13.91 -22.37 4.01
C PRO C 217 12.62 -21.75 4.57
N ARG C 218 12.29 -22.03 5.83
CA ARG C 218 11.07 -21.47 6.40
C ARG C 218 11.36 -20.99 7.78
N MET C 219 10.76 -19.86 8.17
CA MET C 219 10.96 -19.24 9.50
C MET C 219 9.69 -19.08 10.31
N HIS C 220 9.88 -18.62 11.55
CA HIS C 220 8.80 -18.53 12.52
C HIS C 220 8.62 -17.20 13.25
N CYS C 221 7.40 -16.67 13.18
CA CYS C 221 7.12 -15.33 13.69
C CYS C 221 6.08 -15.26 14.79
N ALA C 222 6.53 -15.29 16.04
CA ALA C 222 5.63 -15.35 17.18
C ALA C 222 5.17 -13.99 17.66
N VAL C 223 4.46 -13.98 18.79
CA VAL C 223 3.60 -12.85 19.17
C VAL C 223 4.30 -11.59 19.62
N ASP C 224 5.53 -11.75 20.09
CA ASP C 224 6.32 -10.64 20.57
C ASP C 224 7.27 -10.08 19.51
N GLY C 225 7.07 -10.45 18.24
CA GLY C 225 7.87 -9.93 17.14
C GLY C 225 9.34 -10.38 17.09
N GLU C 226 9.61 -11.59 17.54
CA GLU C 226 10.90 -12.20 17.38
C GLU C 226 10.71 -13.38 16.44
N TRP C 227 11.81 -13.81 15.79
CA TRP C 227 11.89 -14.98 14.88
C TRP C 227 12.44 -16.25 15.61
N LEU C 228 11.92 -17.44 15.30
CA LEU C 228 12.10 -18.53 16.27
C LEU C 228 12.83 -19.87 15.96
N VAL C 229 12.18 -20.74 15.18
CA VAL C 229 12.78 -22.02 14.82
C VAL C 229 13.13 -22.00 13.34
N PRO C 230 14.41 -21.74 13.04
CA PRO C 230 14.74 -21.80 11.63
C PRO C 230 14.70 -23.27 11.19
N ILE C 231 13.99 -23.56 10.12
CA ILE C 231 13.93 -24.91 9.55
C ILE C 231 14.54 -24.88 8.17
N GLY C 232 15.82 -25.21 8.06
CA GLY C 232 16.44 -25.38 6.76
C GLY C 232 17.05 -24.12 6.20
N GLN C 233 17.83 -24.27 5.12
CA GLN C 233 18.56 -23.14 4.57
C GLN C 233 18.85 -23.21 3.07
N CYS C 234 19.18 -22.05 2.53
CA CYS C 234 19.52 -21.91 1.12
C CYS C 234 21.03 -22.03 1.00
N LEU C 235 21.48 -22.76 -0.03
CA LEU C 235 22.90 -23.09 -0.30
C LEU C 235 23.51 -22.38 -1.50
N CYS C 236 24.76 -21.97 -1.34
CA CYS C 236 25.53 -21.36 -2.41
C CYS C 236 25.80 -22.32 -3.58
N GLN C 237 25.38 -21.91 -4.78
CA GLN C 237 25.51 -22.76 -5.95
C GLN C 237 26.94 -22.77 -6.47
N ALA C 238 27.15 -23.65 -7.46
CA ALA C 238 28.40 -23.73 -8.20
C ALA C 238 29.01 -22.38 -8.56
N GLY C 239 30.27 -22.20 -8.19
CA GLY C 239 31.03 -21.04 -8.63
C GLY C 239 30.75 -19.81 -7.80
N TYR C 240 29.90 -19.98 -6.79
CA TYR C 240 29.68 -18.94 -5.77
C TYR C 240 29.87 -19.51 -4.37
N GLU C 241 30.62 -18.76 -3.56
CA GLU C 241 30.86 -19.07 -2.17
C GLU C 241 30.00 -18.16 -1.27
N LYS C 242 29.95 -18.45 0.02
CA LYS C 242 29.14 -17.64 0.93
C LYS C 242 29.89 -16.46 1.55
N VAL C 243 29.93 -15.32 0.88
CA VAL C 243 30.55 -14.15 1.50
C VAL C 243 29.53 -13.33 2.31
N GLU C 244 29.78 -13.25 3.62
CA GLU C 244 28.82 -12.73 4.58
C GLU C 244 27.41 -13.27 4.38
N ASP C 245 26.47 -12.41 3.98
CA ASP C 245 25.08 -12.85 4.01
C ASP C 245 24.45 -13.20 2.68
N ALA C 246 25.27 -13.26 1.64
CA ALA C 246 24.81 -13.59 0.28
C ALA C 246 25.91 -14.21 -0.56
N CYS C 247 25.50 -14.96 -1.59
CA CYS C 247 26.42 -15.59 -2.52
C CYS C 247 27.20 -14.61 -3.39
N GLN C 248 28.52 -14.72 -3.35
CA GLN C 248 29.41 -13.98 -4.23
C GLN C 248 30.16 -14.92 -5.17
N ALA C 249 30.35 -14.48 -6.41
CA ALA C 249 31.15 -15.23 -7.36
C ALA C 249 32.49 -15.57 -6.73
N CYS C 250 33.15 -16.60 -7.27
CA CYS C 250 34.41 -17.07 -6.73
C CYS C 250 35.59 -16.19 -7.12
N SER C 251 36.14 -15.47 -6.14
CA SER C 251 37.29 -14.61 -6.39
C SER C 251 38.23 -15.25 -7.40
N PRO C 252 38.55 -14.50 -8.47
CA PRO C 252 39.46 -15.01 -9.49
C PRO C 252 40.66 -15.70 -8.86
N GLY C 253 41.11 -16.78 -9.49
CA GLY C 253 42.20 -17.56 -8.95
C GLY C 253 41.69 -18.66 -8.04
N PHE C 254 40.37 -18.79 -7.94
CA PHE C 254 39.77 -19.89 -7.17
C PHE C 254 38.56 -20.49 -7.88
N PHE C 255 37.96 -21.51 -7.25
CA PHE C 255 36.77 -22.17 -7.78
C PHE C 255 35.90 -22.89 -6.73
N LYS C 256 34.72 -23.35 -7.17
CA LYS C 256 33.82 -24.15 -6.38
C LYS C 256 32.89 -24.88 -7.36
N PHE C 257 33.10 -26.18 -7.56
CA PHE C 257 32.35 -26.94 -8.57
C PHE C 257 30.99 -27.41 -8.07
N GLU C 258 30.76 -27.30 -6.76
CA GLU C 258 29.59 -27.90 -6.10
C GLU C 258 28.59 -26.89 -5.52
N ALA C 259 27.53 -27.41 -4.89
CA ALA C 259 26.58 -26.63 -4.06
C ALA C 259 26.74 -27.03 -2.60
N SER C 260 27.76 -26.46 -1.95
CA SER C 260 28.09 -26.80 -0.57
C SER C 260 28.33 -25.53 0.20
N GLU C 261 28.24 -25.63 1.53
CA GLU C 261 28.66 -24.53 2.38
C GLU C 261 30.17 -24.35 2.19
N SER C 262 30.79 -25.37 1.61
CA SER C 262 32.23 -25.38 1.36
C SER C 262 32.67 -24.20 0.50
N PRO C 263 33.63 -23.41 1.03
CA PRO C 263 34.24 -22.18 0.49
C PRO C 263 34.75 -22.27 -0.95
N CYS C 264 35.67 -21.37 -1.32
CA CYS C 264 36.21 -21.37 -2.68
C CYS C 264 37.65 -21.88 -2.70
N LEU C 265 37.81 -23.17 -3.00
CA LEU C 265 39.13 -23.79 -3.06
C LEU C 265 40.00 -23.06 -4.07
N GLU C 266 41.26 -22.84 -3.72
CA GLU C 266 42.17 -22.14 -4.63
C GLU C 266 42.55 -23.08 -5.77
N CYS C 267 42.90 -22.49 -6.91
CA CYS C 267 43.02 -23.26 -8.16
C CYS C 267 44.12 -24.33 -8.11
N PRO C 268 43.73 -25.61 -8.31
CA PRO C 268 44.62 -26.74 -8.07
C PRO C 268 45.95 -26.64 -8.85
N GLU C 269 46.79 -27.68 -8.74
CA GLU C 269 48.15 -27.66 -9.28
C GLU C 269 48.26 -27.88 -10.80
N HIS C 270 49.18 -27.14 -11.41
CA HIS C 270 49.45 -27.21 -12.85
C HIS C 270 48.30 -26.62 -13.67
N THR C 271 47.73 -25.52 -13.20
CA THR C 271 46.45 -25.07 -13.72
C THR C 271 46.40 -23.58 -14.11
N LEU C 272 45.63 -23.28 -15.16
CA LEU C 272 45.41 -21.92 -15.66
C LEU C 272 44.56 -21.06 -14.74
N PRO C 273 45.13 -19.96 -14.22
CA PRO C 273 44.39 -19.06 -13.32
C PRO C 273 43.01 -18.71 -13.88
N SER C 274 41.96 -19.31 -13.31
CA SER C 274 40.59 -19.14 -13.78
C SER C 274 40.14 -17.69 -13.68
N PRO C 275 39.10 -17.32 -14.44
CA PRO C 275 38.53 -15.98 -14.28
C PRO C 275 37.83 -15.94 -12.94
N GLU C 276 36.73 -15.19 -12.87
CA GLU C 276 35.94 -15.15 -11.66
C GLU C 276 34.87 -16.23 -11.67
N GLY C 277 34.53 -16.71 -10.48
CA GLY C 277 33.42 -17.64 -10.32
C GLY C 277 33.48 -18.70 -11.38
N ALA C 278 34.18 -19.78 -11.07
CA ALA C 278 34.29 -20.86 -12.02
C ALA C 278 34.05 -22.20 -11.33
N THR C 279 33.19 -23.01 -11.96
CA THR C 279 32.98 -24.40 -11.56
C THR C 279 34.34 -25.14 -11.41
N SER C 280 35.11 -25.23 -12.50
CA SER C 280 36.46 -25.82 -12.44
C SER C 280 37.50 -24.95 -13.17
N CYS C 281 38.76 -25.37 -13.13
CA CYS C 281 39.83 -24.58 -13.74
C CYS C 281 40.38 -25.11 -15.09
N GLU C 282 40.75 -24.18 -15.98
CA GLU C 282 41.33 -24.54 -17.26
C GLU C 282 42.72 -25.07 -17.02
N CYS C 283 43.03 -26.22 -17.60
CA CYS C 283 44.30 -26.88 -17.36
C CYS C 283 45.40 -26.30 -18.24
N GLU C 284 46.54 -26.02 -17.64
CA GLU C 284 47.68 -25.43 -18.33
C GLU C 284 48.16 -26.26 -19.53
N GLU C 285 48.83 -25.60 -20.48
CA GLU C 285 49.26 -26.22 -21.73
C GLU C 285 50.03 -27.53 -21.56
N GLY C 286 49.68 -28.52 -22.36
CA GLY C 286 50.28 -29.84 -22.24
C GLY C 286 50.14 -30.37 -20.82
N PHE C 287 49.01 -31.01 -20.53
CA PHE C 287 48.60 -31.33 -19.17
C PHE C 287 47.10 -31.61 -19.20
N PHE C 288 46.59 -32.44 -18.28
CA PHE C 288 45.24 -33.00 -18.45
C PHE C 288 44.39 -33.31 -17.20
N ARG C 289 43.46 -34.24 -17.40
CA ARG C 289 42.71 -34.96 -16.37
C ARG C 289 42.06 -36.22 -16.99
N ALA C 290 42.13 -37.36 -16.31
CA ALA C 290 41.50 -38.58 -16.85
C ALA C 290 39.99 -38.48 -16.77
N PRO C 291 39.28 -38.98 -17.79
CA PRO C 291 37.81 -38.98 -17.80
C PRO C 291 37.14 -38.94 -16.41
N GLN C 292 37.46 -39.87 -15.52
CA GLN C 292 36.95 -39.79 -14.16
C GLN C 292 38.00 -39.16 -13.24
N ASP C 293 38.25 -37.87 -13.45
CA ASP C 293 39.19 -37.13 -12.62
C ASP C 293 38.53 -35.87 -12.09
N PRO C 294 38.63 -35.65 -10.77
CA PRO C 294 37.94 -34.56 -10.09
C PRO C 294 38.38 -33.18 -10.56
N ALA C 295 37.56 -32.20 -10.25
CA ALA C 295 37.95 -30.82 -10.42
C ALA C 295 39.09 -30.54 -9.45
N SER C 296 38.82 -30.77 -8.17
CA SER C 296 39.83 -30.56 -7.13
C SER C 296 41.17 -31.16 -7.55
N MET C 297 41.14 -32.38 -8.06
CA MET C 297 42.36 -33.03 -8.53
C MET C 297 43.04 -32.13 -9.56
N PRO C 298 44.38 -32.03 -9.49
CA PRO C 298 45.18 -31.17 -10.36
C PRO C 298 45.33 -31.75 -11.78
N CYS C 299 46.28 -31.21 -12.56
CA CYS C 299 46.55 -31.78 -13.88
C CYS C 299 47.70 -32.82 -13.88
N THR C 300 47.69 -33.67 -14.91
CA THR C 300 48.64 -34.79 -14.98
C THR C 300 49.15 -35.13 -16.40
N ARG C 301 50.48 -35.18 -16.51
CA ARG C 301 51.18 -35.56 -17.72
C ARG C 301 51.83 -36.92 -17.55
N PRO C 302 52.30 -37.51 -18.66
CA PRO C 302 52.93 -38.84 -18.69
C PRO C 302 54.35 -38.88 -18.11
N PRO C 303 54.62 -39.91 -17.31
CA PRO C 303 55.76 -39.97 -16.38
C PRO C 303 57.10 -40.12 -17.05
N SER C 304 58.12 -39.48 -16.50
CA SER C 304 59.49 -39.70 -16.97
C SER C 304 59.82 -41.18 -16.84
N ALA C 305 60.70 -41.64 -17.72
CA ALA C 305 61.06 -43.06 -17.81
C ALA C 305 61.49 -43.65 -16.48
N PRO C 306 61.33 -44.99 -16.35
CA PRO C 306 61.76 -45.69 -15.14
C PRO C 306 63.14 -45.24 -14.80
N HIS C 307 63.26 -44.31 -13.86
CA HIS C 307 64.52 -43.66 -13.58
C HIS C 307 65.75 -44.55 -13.79
N TYR C 308 65.88 -45.63 -13.01
CA TYR C 308 67.00 -46.56 -13.17
C TYR C 308 66.57 -47.87 -13.77
N LEU C 309 67.25 -48.31 -14.83
CA LEU C 309 67.06 -49.67 -15.30
C LEU C 309 68.35 -50.46 -15.25
N THR C 310 68.26 -51.67 -14.67
CA THR C 310 69.37 -52.62 -14.65
C THR C 310 68.83 -54.06 -14.77
N ALA C 311 69.45 -54.85 -15.65
CA ALA C 311 69.01 -56.23 -15.88
C ALA C 311 70.15 -57.24 -15.71
N VAL C 312 69.96 -58.20 -14.81
CA VAL C 312 70.97 -59.23 -14.51
C VAL C 312 70.63 -60.53 -15.25
N GLY C 313 71.57 -61.48 -15.22
CA GLY C 313 71.35 -62.78 -15.82
C GLY C 313 71.79 -63.92 -14.91
N MET C 314 71.68 -63.71 -13.59
CA MET C 314 72.06 -64.71 -12.61
C MET C 314 71.40 -66.06 -12.92
N GLY C 315 72.15 -66.93 -13.58
CA GLY C 315 71.66 -68.25 -13.93
C GLY C 315 71.13 -68.39 -15.35
N ALA C 316 70.09 -69.21 -15.50
CA ALA C 316 69.44 -69.42 -16.79
C ALA C 316 68.31 -68.41 -17.00
N LYS C 317 67.89 -67.78 -15.91
CA LYS C 317 66.85 -66.74 -15.92
C LYS C 317 67.47 -65.34 -15.75
N VAL C 318 66.71 -64.30 -16.10
CA VAL C 318 67.19 -62.92 -16.01
C VAL C 318 66.37 -62.03 -15.07
N GLU C 319 66.96 -60.92 -14.65
CA GLU C 319 66.36 -60.10 -13.60
C GLU C 319 66.35 -58.61 -13.94
N LEU C 320 65.18 -58.10 -14.32
CA LEU C 320 64.99 -56.66 -14.53
C LEU C 320 64.56 -56.00 -13.23
N ARG C 321 65.33 -54.99 -12.81
CA ARG C 321 65.11 -54.38 -11.51
C ARG C 321 65.14 -52.85 -11.62
N TRP C 322 63.96 -52.22 -11.65
CA TRP C 322 63.91 -50.81 -11.99
C TRP C 322 63.21 -49.86 -11.02
N THR C 323 63.86 -48.72 -10.80
CA THR C 323 63.34 -47.64 -9.99
C THR C 323 62.23 -46.88 -10.73
N PRO C 324 61.17 -46.46 -9.99
CA PRO C 324 60.06 -45.68 -10.56
C PRO C 324 60.47 -44.25 -10.91
N PRO C 325 59.80 -43.69 -11.93
CA PRO C 325 60.06 -42.38 -12.53
C PRO C 325 60.64 -41.34 -11.55
N GLN C 326 61.54 -40.47 -12.00
CA GLN C 326 62.08 -39.46 -11.10
C GLN C 326 61.07 -38.35 -10.97
N ASP C 327 60.24 -38.22 -12.01
CA ASP C 327 59.10 -37.32 -11.99
C ASP C 327 57.85 -38.11 -12.38
N SER C 328 57.00 -38.38 -11.40
CA SER C 328 55.93 -39.35 -11.57
C SER C 328 54.90 -38.92 -12.61
N GLY C 329 54.91 -37.64 -12.93
CA GLY C 329 53.88 -37.06 -13.77
C GLY C 329 52.67 -36.68 -12.94
N GLY C 330 52.90 -36.28 -11.69
CA GLY C 330 51.85 -35.82 -10.80
C GLY C 330 50.75 -36.83 -10.53
N ARG C 331 51.11 -38.11 -10.44
CA ARG C 331 50.13 -39.17 -10.23
C ARG C 331 50.65 -40.34 -9.43
N GLU C 332 49.91 -41.44 -9.48
CA GLU C 332 50.17 -42.63 -8.68
C GLU C 332 49.36 -43.79 -9.22
N ASP C 333 49.59 -44.15 -10.48
CA ASP C 333 48.99 -45.34 -11.07
C ASP C 333 49.92 -45.89 -12.13
N ILE C 334 51.18 -45.47 -12.06
CA ILE C 334 52.16 -45.64 -13.13
C ILE C 334 52.48 -47.10 -13.47
N VAL C 335 51.84 -47.62 -14.51
CA VAL C 335 52.00 -49.02 -14.93
C VAL C 335 53.21 -49.21 -15.86
N TYR C 336 53.75 -50.44 -15.89
CA TYR C 336 54.94 -50.70 -16.70
C TYR C 336 54.73 -51.65 -17.88
N SER C 337 55.14 -51.21 -19.07
CA SER C 337 55.07 -52.03 -20.26
C SER C 337 56.46 -52.50 -20.71
N VAL C 338 56.58 -53.79 -21.01
CA VAL C 338 57.88 -54.44 -21.25
C VAL C 338 58.07 -55.00 -22.67
N THR C 339 59.14 -54.57 -23.33
CA THR C 339 59.45 -55.00 -24.70
C THR C 339 60.82 -55.73 -24.81
N CYS C 340 61.04 -56.40 -25.94
CA CYS C 340 62.22 -57.25 -26.14
C CYS C 340 62.67 -57.40 -27.60
N GLU C 341 63.97 -57.26 -27.84
CA GLU C 341 64.54 -57.48 -29.18
C GLU C 341 65.47 -58.70 -29.18
N GLN C 342 66.04 -59.02 -30.35
CA GLN C 342 66.98 -60.13 -30.51
C GLN C 342 68.02 -59.86 -31.60
N CYS C 343 69.30 -59.84 -31.21
CA CYS C 343 70.38 -59.67 -32.17
C CYS C 343 71.39 -60.82 -32.04
N TRP C 344 72.02 -61.19 -33.16
CA TRP C 344 72.88 -62.37 -33.20
C TRP C 344 74.30 -62.07 -33.71
N PRO C 345 74.95 -61.04 -33.13
CA PRO C 345 76.23 -60.55 -33.66
C PRO C 345 77.21 -61.67 -34.04
N SER C 347 75.93 -63.30 -37.10
CA SER C 347 74.65 -62.89 -37.68
C SER C 347 74.42 -61.38 -37.52
N GLY C 348 73.89 -60.97 -36.39
CA GLY C 348 73.56 -59.57 -36.17
C GLY C 348 72.16 -59.29 -36.65
N GLU C 349 71.52 -60.33 -37.19
CA GLU C 349 70.14 -60.26 -37.68
C GLU C 349 69.18 -59.93 -36.55
N CYS C 350 68.52 -58.78 -36.67
CA CYS C 350 67.68 -58.26 -35.60
C CYS C 350 66.21 -58.09 -35.99
N GLY C 351 65.35 -58.91 -35.39
CA GLY C 351 63.91 -58.77 -35.57
C GLY C 351 63.24 -58.63 -34.22
N PRO C 352 61.97 -59.05 -34.13
CA PRO C 352 61.23 -59.05 -32.85
C PRO C 352 61.74 -60.15 -31.93
N CYS C 353 60.99 -60.44 -30.89
CA CYS C 353 61.31 -61.57 -30.01
C CYS C 353 60.43 -62.77 -30.38
N GLU C 354 60.57 -63.85 -29.63
CA GLU C 354 59.87 -65.08 -29.96
C GLU C 354 58.87 -65.51 -28.89
N ALA C 355 57.91 -66.34 -29.30
CA ALA C 355 56.94 -66.93 -28.40
C ALA C 355 57.51 -68.14 -27.67
N SER C 356 58.77 -68.02 -27.26
CA SER C 356 59.43 -69.03 -26.45
C SER C 356 59.83 -68.40 -25.12
N VAL C 357 60.35 -67.17 -25.21
CA VAL C 357 60.77 -66.43 -24.03
C VAL C 357 59.60 -66.24 -23.08
N ARG C 358 59.79 -66.62 -21.82
CA ARG C 358 58.71 -66.57 -20.83
C ARG C 358 58.90 -65.47 -19.80
N TYR C 359 57.80 -64.96 -19.26
CA TYR C 359 57.84 -63.90 -18.25
C TYR C 359 57.14 -64.38 -16.96
N SER C 360 57.80 -64.17 -15.83
CA SER C 360 57.26 -64.63 -14.55
C SER C 360 56.08 -63.78 -14.10
N GLU C 361 55.65 -62.86 -14.95
CA GLU C 361 54.50 -62.00 -14.66
C GLU C 361 53.99 -61.37 -15.95
N PRO C 362 52.67 -61.41 -16.18
CA PRO C 362 52.11 -60.82 -17.40
C PRO C 362 52.73 -59.46 -17.68
N PRO C 363 53.33 -59.31 -18.88
CA PRO C 363 54.10 -58.14 -19.32
C PRO C 363 53.53 -56.75 -18.98
N HIS C 364 52.23 -56.65 -18.74
CA HIS C 364 51.60 -55.32 -18.65
C HIS C 364 50.74 -55.09 -17.42
N GLY C 365 50.46 -53.81 -17.17
CA GLY C 365 49.81 -53.40 -15.95
C GLY C 365 50.81 -53.51 -14.82
N LEU C 366 52.07 -53.68 -15.22
CA LEU C 366 53.14 -53.95 -14.26
C LEU C 366 53.20 -52.95 -13.12
N THR C 367 52.60 -53.36 -12.02
CA THR C 367 52.62 -52.63 -10.79
C THR C 367 53.88 -53.01 -10.01
N ARG C 368 54.66 -53.93 -10.59
CA ARG C 368 55.93 -54.35 -10.01
C ARG C 368 57.09 -53.48 -10.47
N THR C 369 58.12 -53.40 -9.63
CA THR C 369 59.38 -52.81 -10.02
C THR C 369 60.42 -53.93 -10.04
N SER C 370 60.03 -55.06 -10.63
CA SER C 370 60.81 -56.30 -10.67
C SER C 370 60.04 -57.41 -11.39
N VAL C 371 60.71 -58.10 -12.34
CA VAL C 371 60.13 -59.24 -13.06
C VAL C 371 61.19 -60.26 -13.52
N THR C 372 60.76 -61.33 -14.20
CA THR C 372 61.68 -62.39 -14.66
C THR C 372 61.37 -62.93 -16.05
N VAL C 373 62.42 -63.17 -16.85
CA VAL C 373 62.29 -63.74 -18.19
C VAL C 373 63.10 -65.02 -18.36
N SER C 374 62.40 -66.14 -18.61
CA SER C 374 63.06 -67.42 -18.81
C SER C 374 62.95 -67.86 -20.28
N ASP C 375 63.59 -68.98 -20.61
CA ASP C 375 63.55 -69.54 -21.97
C ASP C 375 64.30 -68.64 -22.97
N LEU C 376 65.62 -68.66 -22.89
CA LEU C 376 66.44 -67.77 -23.71
C LEU C 376 67.63 -68.47 -24.33
N GLU C 377 67.69 -68.48 -25.67
CA GLU C 377 68.80 -69.11 -26.37
C GLU C 377 70.09 -68.33 -26.16
N PRO C 378 71.08 -68.98 -25.53
CA PRO C 378 72.30 -68.29 -25.08
C PRO C 378 73.02 -67.52 -26.18
N HIS C 379 73.39 -66.30 -25.82
CA HIS C 379 74.08 -65.35 -26.69
C HIS C 379 73.19 -64.64 -27.70
N MET C 380 72.70 -63.49 -27.28
CA MET C 380 71.92 -62.63 -28.15
C MET C 380 71.91 -61.25 -27.48
N ASN C 381 72.38 -60.24 -28.20
CA ASN C 381 72.39 -58.85 -27.74
C ASN C 381 70.92 -58.53 -27.43
N TYR C 382 70.37 -59.20 -26.41
CA TYR C 382 68.96 -59.12 -26.02
C TYR C 382 68.56 -57.73 -25.53
N THR C 383 68.09 -56.90 -26.46
CA THR C 383 67.77 -55.52 -26.15
C THR C 383 66.38 -55.39 -25.54
N PHE C 384 66.32 -55.07 -24.24
CA PHE C 384 65.06 -54.88 -23.52
C PHE C 384 64.76 -53.39 -23.28
N THR C 385 63.48 -53.05 -23.21
CA THR C 385 63.06 -51.68 -22.89
C THR C 385 61.69 -51.59 -22.17
N VAL C 386 61.72 -51.17 -20.92
CA VAL C 386 60.53 -51.11 -20.07
C VAL C 386 60.06 -49.67 -19.92
N GLU C 387 58.75 -49.47 -19.80
CA GLU C 387 58.19 -48.11 -19.92
C GLU C 387 57.18 -47.64 -18.85
N ALA C 388 57.28 -46.36 -18.51
CA ALA C 388 56.37 -45.74 -17.56
C ALA C 388 55.21 -45.05 -18.29
N ARG C 389 53.99 -45.46 -17.93
CA ARG C 389 52.77 -44.84 -18.42
C ARG C 389 52.00 -44.30 -17.22
N ASN C 390 50.78 -43.84 -17.48
CA ASN C 390 49.80 -43.52 -16.45
C ASN C 390 48.37 -43.42 -16.98
N GLY C 391 47.49 -42.79 -16.21
CA GLY C 391 46.11 -42.62 -16.61
C GLY C 391 45.98 -41.69 -17.81
N VAL C 392 46.84 -40.68 -17.85
CA VAL C 392 46.90 -39.74 -18.97
C VAL C 392 48.02 -40.12 -19.95
N SER C 393 48.15 -41.42 -20.26
CA SER C 393 49.20 -41.86 -21.18
C SER C 393 48.73 -41.96 -22.63
N GLY C 394 47.44 -42.19 -22.83
CA GLY C 394 46.85 -42.20 -24.16
C GLY C 394 46.53 -40.81 -24.68
N LEU C 395 47.08 -39.79 -24.05
CA LEU C 395 46.83 -38.40 -24.45
C LEU C 395 48.12 -37.72 -24.95
N VAL C 396 49.20 -38.50 -25.06
CA VAL C 396 50.46 -37.96 -25.55
C VAL C 396 51.31 -39.02 -26.26
N THR C 397 51.80 -38.65 -27.45
CA THR C 397 52.66 -39.52 -28.26
C THR C 397 54.00 -39.80 -27.55
N SER C 398 54.62 -38.75 -27.03
CA SER C 398 55.87 -38.84 -26.28
C SER C 398 55.84 -39.94 -25.22
N ARG C 399 56.49 -41.05 -25.52
CA ARG C 399 56.66 -42.13 -24.56
C ARG C 399 57.73 -41.73 -23.54
N SER C 400 58.00 -42.62 -22.60
CA SER C 400 59.14 -42.42 -21.72
C SER C 400 59.54 -43.75 -21.07
N PHE C 401 60.56 -44.36 -21.69
CA PHE C 401 61.09 -45.67 -21.31
C PHE C 401 62.60 -45.60 -21.12
N ARG C 402 63.15 -46.69 -20.56
CA ARG C 402 64.59 -46.82 -20.37
C ARG C 402 64.96 -48.20 -20.88
N THR C 403 65.97 -48.27 -21.76
CA THR C 403 66.44 -49.55 -22.35
C THR C 403 67.47 -50.29 -21.50
N ALA C 404 67.77 -51.53 -21.92
CA ALA C 404 68.80 -52.35 -21.28
C ALA C 404 68.98 -53.69 -22.01
N SER C 405 70.24 -54.05 -22.28
CA SER C 405 70.53 -55.30 -22.99
C SER C 405 71.57 -56.14 -22.27
N VAL C 406 71.44 -57.46 -22.37
CA VAL C 406 72.43 -58.41 -21.85
C VAL C 406 72.58 -59.64 -22.75
N SER C 407 73.49 -60.54 -22.37
CA SER C 407 73.65 -61.82 -23.06
C SER C 407 73.85 -62.95 -22.03
N ILE C 408 73.74 -64.20 -22.47
CA ILE C 408 73.86 -65.32 -21.53
C ILE C 408 74.48 -66.65 -22.13
N ASN C 409 75.14 -67.44 -21.28
CA ASN C 409 75.64 -68.78 -21.63
C ASN C 409 75.79 -69.67 -20.38
N VAL D 1 -14.17 35.74 29.83
CA VAL D 1 -13.38 36.24 30.95
C VAL D 1 -14.12 36.02 32.28
N ALA D 2 -14.40 34.76 32.59
CA ALA D 2 -15.08 34.40 33.84
C ALA D 2 -14.44 33.18 34.52
N ASP D 3 -14.14 32.16 33.73
CA ASP D 3 -13.35 31.00 34.19
C ASP D 3 -11.87 31.18 33.81
N ARG D 4 -11.58 31.50 32.55
CA ARG D 4 -10.20 31.71 32.10
C ARG D 4 -9.79 33.18 32.14
N TYR D 5 -8.50 33.43 32.34
CA TYR D 5 -8.00 34.79 32.46
C TYR D 5 -6.78 35.07 31.59
N ALA D 6 -7.00 35.83 30.52
CA ALA D 6 -5.98 36.13 29.52
C ALA D 6 -5.01 37.18 30.06
N VAL D 7 -3.77 37.19 29.56
CA VAL D 7 -2.75 38.12 30.07
C VAL D 7 -1.50 38.26 29.21
N TYR D 8 -1.45 39.29 28.38
CA TYR D 8 -0.40 39.37 27.38
C TYR D 8 0.89 40.00 27.86
N TRP D 9 1.68 39.17 28.52
CA TRP D 9 2.95 39.53 29.13
C TRP D 9 3.97 40.13 28.17
N ASN D 10 3.70 41.34 27.69
CA ASN D 10 4.75 42.13 27.04
C ASN D 10 4.81 43.58 27.57
N SER D 11 6.01 44.07 27.85
CA SER D 11 6.21 45.36 28.53
C SER D 11 5.15 46.41 28.13
N SER D 12 5.01 46.62 26.83
CA SER D 12 4.07 47.56 26.27
C SER D 12 2.68 47.45 26.89
N ASN D 13 2.41 46.36 27.61
CA ASN D 13 1.12 46.17 28.23
C ASN D 13 0.87 47.24 29.31
N PRO D 14 -0.27 47.95 29.21
CA PRO D 14 -0.64 49.05 30.11
C PRO D 14 -0.86 48.65 31.57
N ARG D 15 -1.37 47.43 31.80
CA ARG D 15 -1.68 46.98 33.15
C ARG D 15 -0.42 46.76 34.00
N PHE D 16 0.69 46.52 33.33
CA PHE D 16 1.98 46.24 33.97
C PHE D 16 2.79 47.51 34.22
N GLN D 17 2.90 48.33 33.17
CA GLN D 17 3.77 49.50 33.14
C GLN D 17 3.32 50.54 34.17
N ARG D 18 2.70 50.06 35.24
CA ARG D 18 2.20 50.92 36.30
C ARG D 18 2.46 50.32 37.70
N GLY D 19 3.31 49.30 37.75
CA GLY D 19 3.82 48.72 38.99
C GLY D 19 3.05 47.54 39.60
N ASP D 20 1.75 47.50 39.34
CA ASP D 20 0.81 46.83 40.23
C ASP D 20 -0.09 45.78 39.59
N TYR D 21 0.31 45.14 38.51
CA TYR D 21 -0.64 44.27 37.82
C TYR D 21 -1.29 43.34 38.85
N HIS D 22 -2.62 43.21 38.77
CA HIS D 22 -3.34 42.40 39.74
C HIS D 22 -4.70 42.03 39.21
N ILE D 23 -5.12 40.82 39.52
CA ILE D 23 -6.45 40.34 39.16
C ILE D 23 -6.93 39.32 40.17
N ASP D 24 -8.22 39.37 40.46
CA ASP D 24 -8.83 38.48 41.42
C ASP D 24 -9.24 37.21 40.70
N VAL D 25 -8.98 36.07 41.32
CA VAL D 25 -9.27 34.76 40.70
C VAL D 25 -9.92 33.78 41.65
N CYS D 26 -10.38 32.66 41.09
CA CYS D 26 -11.10 31.65 41.84
C CYS D 26 -10.45 30.27 41.81
N ILE D 27 -10.73 29.48 42.86
CA ILE D 27 -10.38 28.06 42.93
C ILE D 27 -11.09 27.32 41.79
N ASN D 28 -10.28 26.76 40.88
CA ASN D 28 -10.72 26.12 39.64
C ASN D 28 -10.87 27.09 38.48
N ASP D 29 -9.94 28.03 38.37
CA ASP D 29 -9.98 29.00 37.29
C ASP D 29 -8.61 29.18 36.69
N TYR D 30 -8.57 29.52 35.40
CA TYR D 30 -7.31 29.56 34.68
C TYR D 30 -6.79 30.96 34.39
N LEU D 31 -5.48 31.11 34.58
CA LEU D 31 -4.72 32.25 34.10
C LEU D 31 -3.90 31.85 32.84
N ASP D 32 -4.17 32.49 31.70
CA ASP D 32 -3.47 32.19 30.43
C ASP D 32 -2.37 33.23 30.16
N VAL D 33 -1.14 32.76 30.03
CA VAL D 33 0.00 33.66 29.92
C VAL D 33 0.61 33.71 28.54
N PHE D 34 -0.03 34.47 27.65
CA PHE D 34 0.40 34.55 26.25
C PHE D 34 1.69 35.33 26.10
N CYS D 35 2.82 34.64 25.95
CA CYS D 35 4.11 35.32 25.82
C CYS D 35 4.16 36.40 24.70
N PRO D 36 5.32 37.07 24.58
CA PRO D 36 5.49 37.97 23.43
C PRO D 36 5.63 37.18 22.12
N HIS D 37 4.90 37.56 21.07
CA HIS D 37 5.04 36.93 19.76
C HIS D 37 4.97 37.94 18.61
N TYR D 38 5.99 37.95 17.76
CA TYR D 38 6.10 38.94 16.69
C TYR D 38 5.90 38.35 15.30
N GLU D 39 6.10 39.19 14.29
CA GLU D 39 6.11 38.75 12.90
C GLU D 39 7.57 38.55 12.49
N ASP D 40 7.83 37.68 11.51
CA ASP D 40 9.21 37.29 11.19
C ASP D 40 10.07 38.45 10.68
N SER D 41 9.40 39.54 10.32
CA SER D 41 10.04 40.80 10.00
C SER D 41 10.28 41.61 11.28
N VAL D 42 11.17 41.10 12.12
CA VAL D 42 11.56 41.76 13.36
C VAL D 42 13.09 41.63 13.51
N PRO D 43 13.72 42.70 14.04
CA PRO D 43 15.19 42.79 14.13
C PRO D 43 15.81 42.07 15.33
N GLU D 44 15.08 41.16 15.96
CA GLU D 44 15.65 40.30 17.01
C GLU D 44 15.90 40.98 18.37
N ASP D 45 16.81 41.94 18.41
CA ASP D 45 17.16 42.60 19.68
C ASP D 45 15.91 43.20 20.31
N LYS D 46 14.90 43.44 19.49
CA LYS D 46 13.62 43.92 19.97
C LYS D 46 12.68 42.74 20.16
N THR D 47 13.14 41.74 20.89
CA THR D 47 12.35 40.55 21.22
C THR D 47 12.36 40.23 22.71
N GLU D 48 11.24 40.53 23.37
CA GLU D 48 11.08 40.23 24.80
C GLU D 48 11.18 38.72 25.07
N ARG D 49 12.21 38.34 25.82
CA ARG D 49 12.40 36.95 26.23
C ARG D 49 12.46 36.86 27.76
N TYR D 50 11.66 35.98 28.35
CA TYR D 50 11.45 36.00 29.79
C TYR D 50 11.63 34.65 30.49
N VAL D 51 11.42 34.67 31.80
CA VAL D 51 11.42 33.48 32.62
C VAL D 51 10.41 33.68 33.77
N LEU D 52 9.15 33.26 33.58
CA LEU D 52 8.15 33.38 34.67
C LEU D 52 8.54 32.52 35.88
N TYR D 53 8.93 33.20 36.97
CA TYR D 53 9.07 32.55 38.27
C TYR D 53 7.76 32.75 39.01
N MET D 54 7.43 31.80 39.86
CA MET D 54 6.26 31.95 40.73
C MET D 54 6.70 32.09 42.18
N VAL D 55 7.05 33.31 42.59
CA VAL D 55 7.70 33.52 43.89
C VAL D 55 6.76 33.86 45.07
N ASN D 56 7.33 34.34 46.17
CA ASN D 56 6.58 34.77 47.36
C ASN D 56 6.41 36.29 47.43
N PHE D 57 5.70 36.79 48.46
CA PHE D 57 5.53 38.24 48.60
C PHE D 57 6.89 38.93 48.50
N ASP D 58 7.86 38.42 49.27
CA ASP D 58 9.20 38.99 49.33
C ASP D 58 9.83 39.09 47.94
N GLY D 59 9.96 37.95 47.29
CA GLY D 59 10.51 37.93 45.95
C GLY D 59 9.71 38.81 45.04
N TYR D 60 8.39 38.64 45.07
CA TYR D 60 7.50 39.46 44.26
C TYR D 60 7.88 40.93 44.42
N SER D 61 8.16 41.32 45.66
CA SER D 61 8.48 42.71 45.99
C SER D 61 9.88 43.12 45.52
N ALA D 62 10.85 42.25 45.77
CA ALA D 62 12.24 42.55 45.44
C ALA D 62 12.61 42.07 44.04
N CYS D 63 11.65 42.12 43.12
CA CYS D 63 11.84 41.60 41.77
C CYS D 63 13.02 40.64 41.80
N ASP D 64 12.78 39.47 42.36
CA ASP D 64 13.86 38.58 42.74
C ASP D 64 13.57 37.13 42.32
N HIS D 65 14.45 36.57 41.48
CA HIS D 65 14.23 35.26 40.88
C HIS D 65 15.21 34.18 41.34
N THR D 66 16.17 34.57 42.18
CA THR D 66 17.05 33.63 42.84
C THR D 66 16.33 33.14 44.09
N SER D 67 16.43 33.93 45.16
CA SER D 67 15.88 33.64 46.48
C SER D 67 15.06 32.35 46.60
N LYS D 68 13.79 32.51 47.00
CA LYS D 68 12.88 31.39 47.14
C LYS D 68 11.82 31.49 46.07
N GLY D 69 12.15 30.98 44.88
CA GLY D 69 11.28 31.09 43.74
C GLY D 69 11.45 30.03 42.68
N PHE D 70 10.36 29.33 42.38
CA PHE D 70 10.34 28.30 41.34
C PHE D 70 10.41 28.93 39.95
N LYS D 71 10.94 28.17 39.01
CA LYS D 71 10.92 28.56 37.61
C LYS D 71 9.80 27.81 36.89
N ARG D 72 8.73 28.54 36.56
CA ARG D 72 7.51 27.94 35.98
C ARG D 72 7.53 27.74 34.46
N TRP D 73 7.55 28.84 33.71
CA TRP D 73 7.45 28.78 32.24
C TRP D 73 8.61 29.51 31.60
N GLU D 74 8.66 29.54 30.26
CA GLU D 74 9.80 30.14 29.54
C GLU D 74 9.48 30.67 28.15
N CYS D 75 9.62 31.99 27.97
CA CYS D 75 9.48 32.59 26.65
C CYS D 75 10.84 32.74 25.95
N ASN D 76 11.25 31.67 25.27
CA ASN D 76 12.47 31.74 24.45
C ASN D 76 12.23 31.40 22.99
N ARG D 77 10.96 31.38 22.61
CA ARG D 77 10.51 30.98 21.28
C ARG D 77 9.66 32.06 20.64
N PRO D 78 10.22 33.29 20.56
CA PRO D 78 9.46 34.45 20.09
C PRO D 78 8.94 34.23 18.69
N HIS D 79 9.63 33.36 17.98
CA HIS D 79 9.21 32.94 16.65
C HIS D 79 8.57 31.58 16.77
N SER D 80 7.34 31.57 17.27
CA SER D 80 6.62 30.33 17.45
C SER D 80 5.61 30.11 16.34
N PRO D 81 5.70 28.95 15.68
CA PRO D 81 4.77 28.56 14.62
C PRO D 81 3.29 28.88 14.97
N ASN D 82 2.60 27.93 15.60
CA ASN D 82 1.15 28.01 15.83
C ASN D 82 0.64 29.21 16.67
N GLY D 83 1.41 30.29 16.72
CA GLY D 83 1.05 31.44 17.53
C GLY D 83 2.13 31.74 18.55
N PRO D 84 1.75 32.40 19.67
CA PRO D 84 2.61 32.78 20.80
C PRO D 84 2.74 31.70 21.88
N LEU D 85 3.95 31.50 22.39
CA LEU D 85 4.12 30.60 23.50
C LEU D 85 3.07 30.96 24.53
N LYS D 86 2.19 30.02 24.87
CA LYS D 86 1.23 30.27 25.95
C LYS D 86 1.49 29.34 27.12
N PHE D 87 1.42 29.88 28.33
CA PHE D 87 1.79 29.13 29.53
C PHE D 87 0.70 29.11 30.58
N SER D 88 -0.34 28.34 30.28
CA SER D 88 -1.55 28.28 31.07
C SER D 88 -1.37 27.61 32.42
N GLU D 89 -2.12 28.16 33.39
CA GLU D 89 -2.17 27.69 34.77
C GLU D 89 -3.62 27.49 35.22
N LYS D 90 -3.86 26.44 35.97
CA LYS D 90 -5.17 26.17 36.51
C LYS D 90 -5.02 26.39 37.98
N PHE D 91 -6.04 27.01 38.57
CA PHE D 91 -6.01 27.44 39.98
C PHE D 91 -6.74 26.45 40.88
N GLN D 92 -6.13 25.28 41.01
CA GLN D 92 -6.78 24.10 41.55
C GLN D 92 -6.41 23.88 43.00
N LEU D 93 -7.28 23.23 43.74
CA LEU D 93 -6.92 22.91 45.10
C LEU D 93 -5.78 21.90 45.06
N PHE D 94 -5.90 20.87 44.20
CA PHE D 94 -5.01 19.70 44.25
C PHE D 94 -4.17 19.40 42.99
N THR D 95 -2.96 18.84 43.20
CA THR D 95 -2.04 18.46 42.11
C THR D 95 -1.36 17.08 42.29
N PRO D 96 -1.86 16.03 41.60
CA PRO D 96 -1.14 14.75 41.67
C PRO D 96 0.30 14.85 41.21
N PHE D 97 0.75 16.02 40.79
CA PHE D 97 2.08 16.15 40.25
C PHE D 97 3.09 16.59 41.30
N SER D 98 4.19 15.84 41.38
CA SER D 98 5.33 16.21 42.23
C SER D 98 5.96 17.46 41.62
N LEU D 99 5.39 17.89 40.50
CA LEU D 99 5.99 18.93 39.68
C LEU D 99 5.22 20.26 39.81
N GLY D 100 3.89 20.17 39.82
CA GLY D 100 3.00 21.33 39.71
C GLY D 100 2.82 22.10 41.00
N PHE D 101 1.77 22.90 41.09
CA PHE D 101 1.46 23.54 42.36
C PHE D 101 -0.03 23.53 42.75
N GLU D 102 -0.28 23.53 44.07
CA GLU D 102 -1.61 23.55 44.70
C GLU D 102 -2.01 24.99 45.09
N PHE D 103 -3.30 25.26 45.26
CA PHE D 103 -3.75 26.63 45.51
C PHE D 103 -4.81 26.79 46.64
N ARG D 104 -4.54 27.68 47.59
CA ARG D 104 -5.42 27.90 48.75
C ARG D 104 -6.32 29.13 48.58
N PRO D 105 -7.60 29.00 48.92
CA PRO D 105 -8.59 30.08 48.73
C PRO D 105 -8.27 31.26 49.65
N GLY D 106 -8.57 32.48 49.23
CA GLY D 106 -8.13 33.63 49.99
C GLY D 106 -6.64 33.63 50.32
N ARG D 107 -5.80 33.20 49.39
CA ARG D 107 -4.37 33.44 49.51
C ARG D 107 -4.01 34.37 48.38
N GLU D 108 -2.76 34.81 48.33
CA GLU D 108 -2.32 35.63 47.21
C GLU D 108 -0.98 35.14 46.70
N TYR D 109 -0.87 35.00 45.39
CA TYR D 109 0.33 34.41 44.78
C TYR D 109 1.01 35.34 43.77
N PHE D 110 2.32 35.16 43.60
CA PHE D 110 3.16 36.17 42.98
C PHE D 110 4.03 35.68 41.83
N TYR D 111 3.88 36.28 40.65
CA TYR D 111 4.70 35.97 39.47
C TYR D 111 5.61 37.12 39.02
N ILE D 112 6.80 36.76 38.55
CA ILE D 112 7.76 37.73 38.07
C ILE D 112 8.49 37.22 36.85
N SER D 113 9.33 38.07 36.27
CA SER D 113 10.07 37.70 35.06
C SER D 113 11.41 38.42 34.92
N SER D 114 12.49 37.65 35.06
CA SER D 114 13.81 38.14 34.70
C SER D 114 14.01 37.93 33.21
N ALA D 115 14.21 39.02 32.48
CA ALA D 115 14.45 38.92 31.04
C ALA D 115 15.62 37.98 30.77
N ILE D 116 15.48 37.18 29.71
CA ILE D 116 16.46 36.17 29.36
C ILE D 116 17.77 36.74 28.81
N PRO D 117 17.69 37.73 27.90
CA PRO D 117 18.92 38.36 27.43
C PRO D 117 19.64 39.08 28.57
N ASP D 118 18.99 39.09 29.74
CA ASP D 118 19.48 39.79 30.93
C ASP D 118 19.77 41.26 30.67
N ASN D 119 18.70 42.04 30.48
CA ASN D 119 18.78 43.48 30.25
C ASN D 119 18.04 44.24 31.36
N GLY D 120 18.64 45.35 31.82
CA GLY D 120 18.08 46.08 32.93
C GLY D 120 17.56 45.12 33.99
N ARG D 121 18.46 44.30 34.51
CA ARG D 121 18.13 43.30 35.54
C ARG D 121 17.81 43.98 36.87
N ARG D 122 16.73 44.77 36.88
CA ARG D 122 16.31 45.49 38.07
C ARG D 122 14.79 45.57 38.05
N SER D 123 14.26 46.26 37.04
CA SER D 123 12.83 46.35 36.85
C SER D 123 12.38 45.15 36.03
N CYS D 124 11.40 44.46 36.57
CA CYS D 124 10.86 43.27 35.94
C CYS D 124 9.37 43.37 36.04
N LEU D 125 8.64 42.74 35.12
CA LEU D 125 7.20 42.71 35.21
C LEU D 125 6.82 42.01 36.53
N LYS D 126 5.53 41.82 36.78
CA LYS D 126 5.10 41.10 37.97
C LYS D 126 3.58 41.04 38.03
N LEU D 127 3.05 39.89 38.41
CA LEU D 127 1.61 39.79 38.64
C LEU D 127 1.30 39.22 40.02
N LYS D 128 0.29 39.81 40.67
CA LYS D 128 -0.24 39.30 41.91
C LYS D 128 -1.68 38.87 41.70
N VAL D 129 -2.03 37.72 42.26
CA VAL D 129 -3.36 37.18 42.09
C VAL D 129 -4.07 36.88 43.40
N PHE D 130 -5.03 37.73 43.74
CA PHE D 130 -5.88 37.42 44.86
C PHE D 130 -6.76 36.26 44.42
N VAL D 131 -6.64 35.16 45.13
CA VAL D 131 -7.54 34.03 44.97
C VAL D 131 -8.73 34.27 45.89
N ARG D 132 -9.95 34.26 45.36
CA ARG D 132 -11.13 34.70 46.12
C ARG D 132 -11.78 33.57 46.91
N PRO D 133 -11.67 33.63 48.26
CA PRO D 133 -12.14 32.65 49.25
C PRO D 133 -13.35 31.81 48.82
N THR D 134 -13.45 30.60 49.35
CA THR D 134 -14.58 29.71 49.03
C THR D 134 -15.82 30.09 49.84
N ASN D 135 -16.92 30.29 49.13
CA ASN D 135 -18.12 30.98 49.62
C ASN D 135 -18.04 32.43 49.18
N SER D 136 -16.81 32.95 49.12
CA SER D 136 -16.53 34.18 48.40
C SER D 136 -16.17 33.79 46.96
N CYS D 137 -16.96 32.88 46.41
CA CYS D 137 -16.81 32.42 45.03
C CYS D 137 -18.13 31.87 44.51
N MET D 138 -19.23 32.42 45.02
CA MET D 138 -20.58 32.00 44.66
C MET D 138 -20.95 30.66 45.33
C1 NAG E . -39.74 4.20 31.85
C2 NAG E . -38.40 3.55 31.53
C3 NAG E . -37.43 3.47 32.71
C4 NAG E . -37.46 4.74 33.55
C5 NAG E . -38.92 4.99 33.94
C6 NAG E . -39.08 6.15 34.94
C7 NAG E . -38.96 2.08 29.65
C8 NAG E . -39.64 0.80 29.25
N2 NAG E . -38.69 2.25 30.96
O3 NAG E . -36.11 3.26 32.26
O4 NAG E . -36.62 4.63 34.70
O5 NAG E . -39.67 5.26 32.78
O6 NAG E . -39.29 7.36 34.24
O7 NAG E . -38.71 2.94 28.79
C1 NAG E . -35.42 5.43 34.60
C2 NAG E . -34.95 5.85 35.99
C3 NAG E . -33.59 6.57 35.99
C4 NAG E . -32.62 6.09 34.92
C5 NAG E . -33.30 5.62 33.64
C6 NAG E . -32.32 4.96 32.63
C7 NAG E . -36.88 6.36 37.45
C8 NAG E . -37.40 7.39 38.39
N2 NAG E . -35.93 6.75 36.58
O3 NAG E . -32.96 6.45 37.25
O4 NAG E . -31.76 7.19 34.68
O5 NAG E . -34.38 4.76 33.92
O6 NAG E . -32.67 3.61 32.33
O7 NAG E . -37.32 5.21 37.49
C1 NAG E . -30.38 6.84 34.89
C2 NAG E . -29.46 7.47 33.82
C3 NAG E . -28.02 6.99 34.03
C4 NAG E . -27.60 6.93 35.50
C5 NAG E . -28.70 6.50 36.46
C6 NAG E . -28.33 6.76 37.92
C7 NAG E . -29.34 6.74 31.39
C8 NAG E . -29.50 7.44 30.06
N2 NAG E . -29.98 7.28 32.45
O3 NAG E . -27.16 7.88 33.34
O4 NAG E . -26.50 6.04 35.63
O5 NAG E . -29.91 7.17 36.18
O6 NAG E . -28.68 8.07 38.30
O7 NAG E . -28.68 5.71 31.43
C1 NAG F . 1.41 42.71 24.01
C2 NAG F . 1.37 41.91 22.68
C3 NAG F . 0.21 42.24 21.72
C4 NAG F . -1.11 42.47 22.46
C5 NAG F . -0.76 43.52 23.52
C6 NAG F . -1.97 44.16 24.19
C7 NAG F . 3.46 40.98 21.90
C8 NAG F . 4.85 41.26 21.43
N2 NAG F . 2.63 42.02 21.97
O3 NAG F . 0.07 41.21 20.79
O4 NAG F . -2.13 42.84 21.53
O5 NAG F . 0.10 42.95 24.48
O6 NAG F . -2.78 43.17 24.77
O7 NAG F . 3.14 39.82 22.21
C1 NAG F . -3.32 42.00 21.61
C2 NAG F . -4.63 42.81 21.48
C3 NAG F . -5.91 41.99 21.29
C4 NAG F . -5.72 40.61 20.67
C5 NAG F . -4.37 40.02 21.07
C6 NAG F . -4.13 38.62 20.50
C7 NAG F . -5.20 44.86 22.68
C8 NAG F . -5.10 45.56 24.01
N2 NAG F . -4.81 43.59 22.68
O3 NAG F . -6.86 42.69 20.50
O4 NAG F . -6.81 39.82 21.14
O5 NAG F . -3.33 40.91 20.72
O6 NAG F . -4.65 38.52 19.19
O7 NAG F . -5.63 45.46 21.68
C1 NAG F . -7.59 39.30 20.03
C2 NAG F . -8.19 37.91 20.35
C3 NAG F . -8.98 37.37 19.14
C4 NAG F . -9.95 38.45 18.63
C5 NAG F . -9.20 39.76 18.36
C6 NAG F . -10.09 40.85 17.80
C7 NAG F . -6.95 35.69 20.69
C8 NAG F . -5.58 35.20 21.03
N2 NAG F . -7.17 36.99 20.91
O3 NAG F . -9.69 36.19 19.46
O4 NAG F . -10.65 37.99 17.48
O5 NAG F . -8.58 40.21 19.55
O6 NAG F . -11.25 40.98 18.59
O7 NAG F . -7.77 34.88 20.25
C1 NAG G . 9.70 -39.93 -85.85
C2 NAG G . 9.13 -40.46 -84.50
C3 NAG G . 7.92 -41.40 -84.56
C4 NAG G . 7.12 -41.38 -85.84
C5 NAG G . 8.11 -41.24 -86.99
C6 NAG G . 7.44 -41.35 -88.35
C7 NAG G . 9.88 -41.90 -82.57
C8 NAG G . 10.69 -41.59 -81.35
N2 NAG G . 10.15 -41.14 -83.67
O3 NAG G . 7.04 -41.09 -83.50
O4 NAG G . 6.36 -42.57 -85.93
O5 NAG G . 8.72 -39.99 -86.87
O6 NAG G . 8.44 -41.73 -89.28
O7 NAG G . 9.05 -42.80 -82.50
C1 NAG H . 72.90 -54.24 -28.74
C2 NAG H . 71.86 -53.13 -29.15
C3 NAG H . 72.35 -51.66 -29.08
C4 NAG H . 73.40 -51.41 -28.00
C5 NAG H . 74.48 -52.47 -28.19
C6 NAG H . 75.69 -52.30 -27.30
C7 NAG H . 70.52 -52.55 -31.21
C8 NAG H . 69.31 -53.15 -31.88
N2 NAG H . 71.27 -53.40 -30.47
O3 NAG H . 71.29 -50.75 -28.87
O4 NAG H . 73.89 -50.08 -28.12
O5 NAG H . 73.97 -53.76 -27.94
O6 NAG H . 76.47 -53.48 -27.43
O7 NAG H . 70.76 -51.36 -31.39
#